data_4DW2
#
_entry.id   4DW2
#
_cell.length_a   38.961
_cell.length_b   94.955
_cell.length_c   154.760
_cell.angle_alpha   90.00
_cell.angle_beta   90.00
_cell.angle_gamma   90.00
#
_symmetry.space_group_name_H-M   'P 21 21 21'
#
loop_
_entity.id
_entity.type
_entity.pdbx_description
1 polymer 'Urokinase-type plasminogen activator'
2 polymer 'Fab fragment of pro-uPA antibody mAb-112'
3 polymer 'Fab fragment of pro-uPA antibody mAb-112'
4 non-polymer 'SULFATE ION'
5 water water
#
loop_
_entity_poly.entity_id
_entity_poly.type
_entity_poly.pdbx_seq_one_letter_code
_entity_poly.pdbx_strand_id
1 'polypeptide(L)'
;IIGGEFTTIENQPWFAAIYRRHRGGSVTYVCGGSLISPCWVISATHCFIDYPKKEDYIVYLGRSRLNSNTQGEMKFEVEN
LILHKDYSADTLAHHNDIALLKIRSKEGRCAQPSRTIQTIALPSMYNDPQFGTSCEITGFGKEQSTDYLYPEQLKMTVVK
LISHRECQQPHYYGSEVTTKMLCAADPQWKTDSCQGDSGGPLVCSLQGRMTLTGIVSWGRGCALKDKPGVYTRVSHFLPW
IRSHTK
;
U
2 'polypeptide(L)'
;QVKLQESGGDLVKPGGSLKLSCSASGFTFSRYAMSWVRQTPEKRLEWVASITNGGSTYYSDSVKGRFIISRDNARNILSL
QMSSLRSEDTAMYYCERGELTYAMDYWGQGTTVTVSSAKTTPPSVYPLAPGSMVTLGCLVKGYFPEPVTVTWNSGSLSSG
VHTFPAVLQSDLYTLSSSVTVPSSTWPSETVTCNVAHPASSTKVDKKIVVKG
;
H
3 'polypeptide(L)'
;DIELTQSPAIMSASPGEKVTMTCRASSTVSFHYLHWYQQKSGASPKLWIYATSNLASGVPARFSGSGSGTSYSLTISSVE
TEDAATYYCQHYSAYPRTFGGGTKLEIKRADAAPTVSIFPPSSEQLTSGGASVVCFLNNFYPKDINVKWKIDGSERQNGV
LNSWTDQDSKDSTYSMSSTLTLTKDEYERHNSYTCEATHKTSTSPIVKSFNRNEC
;
L
#
# COMPACT_ATOMS: atom_id res chain seq x y z
N PHE A 6 9.16 10.22 12.46
CA PHE A 6 9.72 8.89 12.08
C PHE A 6 10.67 8.33 13.13
N THR A 7 10.90 9.10 14.19
CA THR A 7 11.65 8.63 15.35
C THR A 7 10.66 8.18 16.47
N THR A 8 10.48 6.86 16.53
CA THR A 8 9.38 6.16 17.20
C THR A 8 9.67 5.73 18.62
N ILE A 9 10.83 6.11 19.12
CA ILE A 9 11.22 5.76 20.46
C ILE A 9 10.44 6.63 21.41
N GLU A 10 9.86 7.71 20.90
CA GLU A 10 9.01 8.56 21.73
C GLU A 10 7.85 7.71 22.17
N ASN A 11 7.37 6.91 21.24
CA ASN A 11 6.62 5.74 21.60
C ASN A 11 7.66 4.74 22.08
N GLN A 12 7.48 4.19 23.27
CA GLN A 12 8.45 3.23 23.85
C GLN A 12 9.85 3.82 24.13
N PRO A 13 9.92 4.87 24.93
CA PRO A 13 11.19 5.50 25.13
C PRO A 13 11.91 4.95 26.37
N TRP A 14 11.68 3.70 26.69
CA TRP A 14 12.46 3.07 27.74
C TRP A 14 13.49 2.31 27.01
N PHE A 15 13.27 2.22 25.70
CA PHE A 15 14.04 1.30 24.95
C PHE A 15 15.47 1.74 25.00
N ALA A 16 16.34 0.82 25.38
CA ALA A 16 17.75 1.09 25.42
C ALA A 16 18.44 0.33 24.33
N ALA A 17 19.10 1.05 23.45
CA ALA A 17 19.89 0.39 22.44
C ALA A 17 21.29 0.17 22.98
N ILE A 18 21.57 -1.05 23.39
CA ILE A 18 22.84 -1.37 23.97
C ILE A 18 23.77 -1.79 22.87
N TYR A 19 24.87 -1.08 22.72
CA TYR A 19 25.77 -1.36 21.63
C TYR A 19 26.98 -1.92 22.25
N ARG A 20 27.85 -2.45 21.43
CA ARG A 20 29.10 -2.86 21.99
C ARG A 20 30.08 -2.04 21.26
N ARG A 21 30.95 -1.32 21.97
CA ARG A 21 31.95 -0.51 21.35
C ARG A 21 33.09 -1.41 20.90
N VAL A 27 31.54 0.02 17.15
CA VAL A 27 30.31 -0.22 17.87
C VAL A 27 29.35 -1.13 17.10
N THR A 28 28.96 -2.24 17.70
CA THR A 28 27.94 -3.08 17.11
C THR A 28 26.77 -3.18 18.07
N TYR A 29 25.59 -3.41 17.49
CA TYR A 29 24.38 -3.43 18.28
C TYR A 29 24.25 -4.80 18.85
N VAL A 30 24.22 -4.89 20.15
CA VAL A 30 24.18 -6.20 20.75
C VAL A 30 22.75 -6.59 21.11
N CYS A 31 22.07 -5.67 21.78
CA CYS A 31 20.81 -5.97 22.43
C CYS A 31 20.01 -4.74 22.69
N GLY A 32 18.71 -4.93 22.86
CA GLY A 32 17.85 -3.89 23.30
C GLY A 32 17.95 -3.89 24.80
N GLY A 33 17.17 -3.03 25.43
CA GLY A 33 17.19 -2.84 26.85
C GLY A 33 15.96 -2.02 27.12
N SER A 34 15.69 -1.74 28.38
CA SER A 34 14.54 -0.96 28.74
C SER A 34 14.95 -0.15 29.94
N LEU A 35 14.66 1.16 29.90
CA LEU A 35 15.03 2.05 30.99
C LEU A 35 14.04 1.75 32.09
N ILE A 36 14.50 1.12 33.16
CA ILE A 36 13.61 0.88 34.30
C ILE A 36 13.71 2.03 35.24
N SER A 37 14.94 2.51 35.40
CA SER A 37 15.27 3.66 36.22
C SER A 37 16.28 4.51 35.44
N PRO A 38 16.45 5.78 35.82
CA PRO A 38 17.38 6.65 35.09
C PRO A 38 18.80 6.09 35.10
N CYS A 39 19.13 5.43 36.19
CA CYS A 39 20.42 4.81 36.43
C CYS A 39 20.53 3.43 35.72
N TRP A 40 19.43 2.69 35.74
CA TRP A 40 19.41 1.29 35.40
C TRP A 40 18.64 0.91 34.16
N VAL A 41 19.36 0.42 33.18
CA VAL A 41 18.70 -0.20 32.06
C VAL A 41 18.55 -1.68 32.31
N ILE A 42 17.32 -2.19 32.25
CA ILE A 42 17.15 -3.63 32.30
C ILE A 42 17.30 -4.22 30.91
N SER A 43 17.86 -5.41 30.84
CA SER A 43 18.06 -6.07 29.58
C SER A 43 18.25 -7.59 29.73
N ALA A 44 18.49 -8.28 28.61
CA ALA A 44 18.82 -9.70 28.67
C ALA A 44 20.28 -9.83 29.05
N THR A 45 20.61 -10.89 29.77
CA THR A 45 22.00 -11.12 30.09
C THR A 45 22.74 -11.87 28.98
N HIS A 46 22.04 -12.81 28.36
CA HIS A 46 22.60 -13.66 27.31
C HIS A 46 23.32 -12.83 26.31
N CYS A 47 22.92 -11.57 26.22
CA CYS A 47 23.65 -10.61 25.40
C CYS A 47 25.12 -10.60 25.79
N PHE A 48 25.38 -10.17 27.03
CA PHE A 48 26.73 -9.80 27.49
C PHE A 48 27.57 -10.97 27.95
N ILE A 49 26.91 -12.01 28.38
CA ILE A 49 27.66 -13.10 28.89
C ILE A 49 28.75 -13.34 27.89
N ASP A 50 28.44 -13.12 26.62
CA ASP A 50 29.47 -13.50 25.71
C ASP A 50 30.61 -12.55 26.00
N TYR A 51 30.34 -11.31 26.23
CA TYR A 51 31.39 -10.48 26.76
C TYR A 51 30.87 -9.59 27.82
N PRO A 52 31.29 -9.91 29.03
CA PRO A 52 30.61 -9.45 30.24
C PRO A 52 31.05 -8.08 30.76
N LYS A 53 31.95 -7.42 30.05
CA LYS A 53 32.51 -6.16 30.53
C LYS A 53 31.64 -4.93 30.35
N LYS A 54 31.51 -4.16 31.42
CA LYS A 54 30.79 -2.92 31.41
C LYS A 54 31.48 -2.00 30.41
N GLU A 55 32.79 -2.13 30.33
CA GLU A 55 33.49 -1.24 29.47
C GLU A 55 32.94 -1.52 28.12
N ASP A 56 32.69 -2.76 27.83
CA ASP A 56 32.45 -3.12 26.48
C ASP A 56 31.29 -2.38 25.84
N TYR A 57 30.28 -2.11 26.64
CA TYR A 57 28.98 -1.79 26.13
C TYR A 57 28.64 -0.35 26.34
N ILE A 58 27.89 0.19 25.40
CA ILE A 58 27.45 1.55 25.46
C ILE A 58 25.95 1.44 25.39
N VAL A 59 25.25 2.07 26.32
CA VAL A 59 23.82 2.07 26.24
C VAL A 59 23.39 3.39 25.66
N TYR A 60 22.60 3.33 24.60
CA TYR A 60 21.94 4.50 24.08
C TYR A 60 20.53 4.57 24.60
N LEU A 61 20.06 5.78 24.77
CA LEU A 61 18.66 5.98 25.02
C LEU A 61 18.15 7.01 24.03
N GLY A 62 16.82 7.14 23.92
CA GLY A 62 16.24 8.09 23.01
C GLY A 62 16.89 7.99 21.65
N ARG A 63 17.36 6.79 21.30
CA ARG A 63 17.89 6.52 19.98
C ARG A 63 16.86 5.72 19.18
N SER A 64 16.43 6.25 18.04
CA SER A 64 15.39 5.62 17.23
C SER A 64 15.96 4.67 16.18
N ARG A 65 17.28 4.64 16.08
CA ARG A 65 17.90 4.24 14.83
C ARG A 65 19.19 3.52 15.14
N LEU A 66 19.55 2.56 14.31
CA LEU A 66 20.65 1.71 14.65
C LEU A 66 22.02 2.35 14.47
N ASN A 67 22.43 2.68 13.24
CA ASN A 67 23.75 3.29 13.06
C ASN A 67 23.68 4.80 12.85
N SER A 68 22.54 5.41 13.16
CA SER A 68 22.40 6.86 13.10
C SER A 68 22.04 7.34 14.46
N ASN A 69 22.85 8.25 14.96
CA ASN A 69 22.55 8.86 16.21
C ASN A 69 21.43 9.85 15.96
N THR A 70 20.21 9.46 16.32
CA THR A 70 19.10 10.38 16.29
C THR A 70 19.23 11.38 17.43
N GLN A 71 18.61 12.54 17.27
CA GLN A 71 18.73 13.57 18.28
C GLN A 71 17.82 13.25 19.43
N GLY A 72 18.17 13.74 20.60
CA GLY A 72 17.43 13.42 21.80
C GLY A 72 17.99 12.18 22.43
N GLU A 73 18.67 11.39 21.60
CA GLU A 73 19.35 10.18 22.02
C GLU A 73 20.44 10.50 23.04
N MET A 74 20.48 9.76 24.14
CA MET A 74 21.52 9.93 25.12
C MET A 74 22.42 8.70 25.17
N LYS A 75 23.72 8.91 25.04
CA LYS A 75 24.70 7.86 25.18
C LYS A 75 25.10 7.65 26.64
N PHE A 76 25.20 6.39 27.04
CA PHE A 76 25.62 6.02 28.38
C PHE A 76 26.60 4.86 28.40
N GLU A 77 27.62 5.00 29.25
CA GLU A 77 28.48 3.89 29.59
C GLU A 77 27.71 3.07 30.61
N VAL A 78 28.10 1.82 30.76
CA VAL A 78 27.52 0.97 31.77
C VAL A 78 28.37 1.09 33.02
N GLU A 79 27.89 1.82 34.01
CA GLU A 79 28.64 1.95 35.26
C GLU A 79 28.84 0.51 35.75
N ASN A 80 27.73 -0.20 35.92
CA ASN A 80 27.78 -1.60 36.31
C ASN A 80 26.97 -2.51 35.43
N LEU A 81 27.60 -3.59 34.98
CA LEU A 81 26.91 -4.65 34.27
C LEU A 81 26.57 -5.71 35.28
N ILE A 82 25.37 -6.26 35.17
CA ILE A 82 24.95 -7.25 36.11
C ILE A 82 24.20 -8.31 35.35
N LEU A 83 24.80 -9.48 35.31
CA LEU A 83 24.21 -10.60 34.61
C LEU A 83 23.66 -11.51 35.67
N HIS A 84 22.57 -12.21 35.38
CA HIS A 84 21.96 -13.07 36.39
C HIS A 84 22.85 -14.21 36.76
N LYS A 85 23.22 -14.28 38.03
CA LYS A 85 24.17 -15.26 38.51
C LYS A 85 23.73 -16.66 38.05
N ASP A 86 22.45 -16.79 37.72
CA ASP A 86 21.85 -18.06 37.38
C ASP A 86 21.56 -18.21 35.88
N TYR A 87 21.90 -17.21 35.08
CA TYR A 87 21.50 -17.24 33.71
C TYR A 87 22.11 -18.47 33.10
N SER A 88 21.31 -19.19 32.37
CA SER A 88 21.78 -20.42 31.79
C SER A 88 21.40 -20.37 30.34
N ALA A 89 22.33 -20.64 29.45
CA ALA A 89 21.91 -20.62 28.10
C ALA A 89 21.74 -22.04 27.71
N ASP A 90 20.52 -22.42 27.39
CA ASP A 90 20.30 -23.74 26.85
C ASP A 90 20.59 -23.68 25.38
N THR A 91 20.59 -24.81 24.75
CA THR A 91 20.84 -24.87 23.34
C THR A 91 19.79 -23.95 22.80
N LEU A 92 18.66 -24.01 23.53
CA LEU A 92 17.49 -23.30 23.13
C LEU A 92 17.22 -22.12 24.06
N ALA A 93 16.54 -22.40 25.17
CA ALA A 93 16.09 -21.35 26.07
C ALA A 93 17.21 -20.69 26.82
N HIS A 94 16.91 -19.52 27.33
CA HIS A 94 17.82 -18.84 28.20
C HIS A 94 17.18 -18.74 29.50
N HIS A 95 17.90 -19.09 30.55
CA HIS A 95 17.32 -19.06 31.87
C HIS A 95 17.84 -17.93 32.67
N ASN A 96 16.93 -17.30 33.39
CA ASN A 96 17.22 -16.10 34.15
C ASN A 96 17.95 -15.11 33.26
N ASP A 97 17.44 -14.91 32.06
CA ASP A 97 18.13 -14.10 31.06
C ASP A 97 18.06 -12.61 31.32
N ILE A 98 17.58 -12.26 32.50
CA ILE A 98 17.52 -10.90 32.99
C ILE A 98 18.94 -10.36 33.16
N ALA A 99 19.24 -9.22 32.55
CA ALA A 99 20.50 -8.53 32.83
C ALA A 99 20.17 -7.30 33.63
N LEU A 100 21.18 -6.50 33.93
CA LEU A 100 20.95 -5.19 34.54
C LEU A 100 22.09 -4.26 34.24
N LEU A 101 21.78 -3.03 33.86
CA LEU A 101 22.82 -2.07 33.52
C LEU A 101 22.63 -0.71 34.19
N LYS A 102 23.51 -0.43 35.14
CA LYS A 102 23.59 0.90 35.71
C LYS A 102 24.19 1.68 34.58
N ILE A 103 23.53 2.75 34.20
CA ILE A 103 24.08 3.48 33.09
C ILE A 103 24.63 4.78 33.58
N ARG A 104 25.72 5.21 32.99
CA ARG A 104 26.29 6.50 33.26
C ARG A 104 26.47 7.07 31.91
N SER A 105 26.25 8.36 31.83
CA SER A 105 26.53 9.11 30.65
C SER A 105 28.02 9.30 30.69
N LYS A 106 28.44 10.03 29.54
CA LYS A 106 29.84 10.40 29.41
C LYS A 106 30.10 11.53 30.36
N GLU A 107 29.04 12.15 30.86
CA GLU A 107 29.16 13.28 31.74
C GLU A 107 28.92 12.80 33.17
N GLY A 108 29.06 11.46 33.33
CA GLY A 108 28.77 10.89 34.63
C GLY A 108 27.34 11.03 35.12
N ARG A 109 26.33 10.84 34.22
CA ARG A 109 25.01 10.79 34.83
C ARG A 109 24.05 9.80 34.25
N CYS A 110 23.08 9.46 35.10
CA CYS A 110 21.95 8.60 34.79
C CYS A 110 21.31 9.44 33.73
N ALA A 111 20.38 8.87 32.99
CA ALA A 111 19.63 9.62 31.99
C ALA A 111 18.58 10.59 32.56
N GLN A 112 18.12 11.49 31.70
CA GLN A 112 17.06 12.36 32.11
C GLN A 112 15.82 12.10 31.29
N PRO A 113 14.66 11.97 31.95
CA PRO A 113 13.40 11.76 31.28
C PRO A 113 13.18 12.82 30.22
N SER A 114 12.78 12.38 29.03
CA SER A 114 12.50 13.22 27.89
C SER A 114 11.19 12.74 27.32
N ARG A 115 10.81 13.27 26.17
CA ARG A 115 9.73 12.65 25.39
C ARG A 115 10.32 11.38 24.85
N THR A 116 11.56 11.49 24.39
CA THR A 116 12.25 10.45 23.65
C THR A 116 12.82 9.41 24.61
N ILE A 117 13.12 9.82 25.85
CA ILE A 117 13.73 8.93 26.82
C ILE A 117 12.91 8.92 28.08
N GLN A 118 12.44 7.74 28.43
CA GLN A 118 11.74 7.55 29.68
C GLN A 118 12.09 6.19 30.26
N THR A 119 11.78 6.03 31.55
CA THR A 119 11.84 4.73 32.21
C THR A 119 10.49 4.09 31.96
N ILE A 120 10.48 2.77 31.87
CA ILE A 120 9.26 2.01 31.81
C ILE A 120 8.97 1.53 33.21
N ALA A 121 7.73 1.73 33.66
CA ALA A 121 7.35 1.24 34.96
C ALA A 121 7.75 -0.22 35.05
N LEU A 122 8.20 -0.65 36.20
CA LEU A 122 8.35 -2.05 36.34
C LEU A 122 6.98 -2.52 36.71
N PRO A 123 6.76 -3.80 36.59
CA PRO A 123 5.50 -4.45 36.77
C PRO A 123 5.19 -4.58 38.23
N SER A 124 3.90 -4.64 38.53
CA SER A 124 3.47 -4.78 39.89
C SER A 124 4.13 -6.00 40.42
N MET A 125 4.38 -5.98 41.71
CA MET A 125 5.09 -7.05 42.29
C MET A 125 4.33 -8.22 41.70
N TYR A 126 5.03 -9.27 41.27
CA TYR A 126 4.40 -10.51 40.83
C TYR A 126 3.04 -10.36 40.14
N ASN A 127 3.03 -9.62 39.05
CA ASN A 127 1.80 -9.52 38.28
C ASN A 127 2.01 -9.79 36.80
N ASP A 128 1.20 -10.68 36.23
CA ASP A 128 1.35 -11.09 34.84
C ASP A 128 0.11 -10.87 33.98
N PRO A 129 0.29 -10.40 32.74
CA PRO A 129 -0.82 -10.19 31.82
C PRO A 129 -1.40 -11.52 31.38
N GLN A 130 -2.71 -11.58 31.20
CA GLN A 130 -3.29 -12.77 30.62
C GLN A 130 -2.65 -13.01 29.26
N PHE A 131 -2.43 -14.28 28.90
CA PHE A 131 -2.05 -14.57 27.53
C PHE A 131 -3.09 -13.84 26.67
N GLY A 132 -2.69 -13.41 25.49
CA GLY A 132 -3.60 -12.73 24.60
C GLY A 132 -3.63 -11.25 24.88
N THR A 133 -3.07 -10.84 26.01
CA THR A 133 -2.85 -9.43 26.24
C THR A 133 -2.17 -8.91 24.99
N SER A 134 -2.30 -7.62 24.70
CA SER A 134 -1.36 -7.03 23.76
C SER A 134 -0.17 -6.46 24.53
N CYS A 135 1.00 -6.61 23.92
CA CYS A 135 2.25 -6.18 24.47
C CYS A 135 3.09 -5.67 23.28
N GLU A 136 4.12 -4.89 23.54
CA GLU A 136 4.92 -4.42 22.44
C GLU A 136 6.37 -4.75 22.63
N ILE A 137 6.99 -5.23 21.58
CA ILE A 137 8.42 -5.42 21.61
C ILE A 137 8.99 -4.37 20.71
N THR A 138 9.76 -3.49 21.31
CA THR A 138 10.48 -2.47 20.58
C THR A 138 11.78 -3.08 20.11
N GLY A 139 12.46 -2.39 19.20
CA GLY A 139 13.78 -2.81 18.77
C GLY A 139 13.92 -3.04 17.30
N PHE A 140 15.08 -2.73 16.78
CA PHE A 140 15.35 -2.81 15.35
C PHE A 140 15.03 -4.15 14.71
N GLY A 141 15.36 -5.23 15.40
CA GLY A 141 14.99 -6.57 14.96
C GLY A 141 15.79 -7.03 13.76
N LYS A 142 15.99 -8.34 13.63
CA LYS A 142 16.87 -8.88 12.59
C LYS A 142 16.05 -9.63 11.56
N GLU A 143 15.87 -9.01 10.40
CA GLU A 143 14.97 -9.53 9.41
C GLU A 143 15.69 -10.17 8.24
N GLN A 144 15.07 -11.20 7.67
CA GLN A 144 15.44 -11.71 6.37
C GLN A 144 14.26 -11.40 5.45
N SER A 145 14.56 -10.83 4.28
CA SER A 145 13.60 -10.24 3.31
C SER A 145 13.69 -8.71 3.17
N THR A 146 14.63 -8.12 3.90
CA THR A 146 15.14 -6.75 3.67
C THR A 146 14.12 -5.61 3.53
N ASP A 147 13.58 -5.15 4.64
CA ASP A 147 12.73 -3.96 4.65
C ASP A 147 13.54 -2.76 4.24
N TYR A 148 12.89 -1.61 4.28
CA TYR A 148 13.68 -0.39 4.26
C TYR A 148 13.59 0.56 5.45
N LEU A 149 12.92 0.15 6.53
CA LEU A 149 13.23 0.62 7.89
C LEU A 149 14.20 -0.44 8.32
N TYR A 150 15.43 -0.32 7.88
CA TYR A 150 16.04 -1.52 7.35
C TYR A 150 16.98 -2.30 8.22
N PRO A 151 16.77 -2.25 9.51
CA PRO A 151 15.73 -1.48 10.10
C PRO A 151 16.44 -0.59 11.03
N GLU A 152 17.20 0.30 10.48
CA GLU A 152 17.98 1.11 11.29
C GLU A 152 16.94 1.50 12.28
N GLN A 153 15.76 1.79 11.77
CA GLN A 153 14.77 2.43 12.55
C GLN A 153 14.23 1.49 13.57
N LEU A 154 14.26 1.93 14.82
CA LEU A 154 13.72 1.18 15.94
C LEU A 154 12.27 0.82 15.71
N LYS A 155 11.96 -0.46 15.82
CA LYS A 155 10.66 -0.98 15.45
C LYS A 155 9.86 -1.54 16.61
N MET A 156 8.83 -0.83 17.01
CA MET A 156 7.84 -1.38 17.93
C MET A 156 7.03 -2.39 17.15
N THR A 157 6.67 -3.48 17.80
CA THR A 157 5.85 -4.49 17.18
C THR A 157 4.91 -5.07 18.21
N VAL A 158 3.60 -4.99 17.94
CA VAL A 158 2.60 -5.45 18.90
C VAL A 158 2.56 -6.96 18.88
N VAL A 159 2.96 -7.59 19.97
CA VAL A 159 2.86 -9.06 20.04
C VAL A 159 1.82 -9.39 21.04
N LYS A 160 1.14 -10.49 20.83
CA LYS A 160 0.09 -10.88 21.70
C LYS A 160 0.70 -11.93 22.59
N LEU A 161 0.56 -11.74 23.90
CA LEU A 161 0.99 -12.75 24.84
C LEU A 161 0.29 -14.06 24.52
N ILE A 162 1.06 -15.14 24.42
CA ILE A 162 0.46 -16.46 24.40
C ILE A 162 0.64 -16.96 25.80
N SER A 163 0.28 -18.21 26.03
CA SER A 163 0.34 -18.78 27.36
C SER A 163 1.38 -19.89 27.51
N HIS A 164 1.81 -20.09 28.73
CA HIS A 164 2.74 -21.14 29.08
C HIS A 164 2.46 -22.46 28.41
N ARG A 165 1.34 -23.10 28.70
CA ARG A 165 1.26 -24.40 28.11
C ARG A 165 1.45 -24.14 26.64
N GLU A 166 0.91 -23.04 26.17
CA GLU A 166 0.99 -22.75 24.75
C GLU A 166 2.42 -23.06 24.28
N CYS A 167 3.37 -22.84 25.18
CA CYS A 167 4.78 -23.08 24.86
C CYS A 167 5.19 -24.47 25.30
N TYR A 172 6.14 -27.10 20.46
CA TYR A 172 6.41 -25.73 20.93
C TYR A 172 7.37 -25.81 22.10
N TYR A 173 8.66 -25.94 21.83
CA TYR A 173 9.59 -25.96 22.93
C TYR A 173 8.96 -26.92 23.89
N GLY A 174 9.77 -27.59 24.69
CA GLY A 174 9.25 -28.50 25.68
C GLY A 174 9.17 -27.82 27.02
N SER A 175 10.05 -28.20 27.93
CA SER A 175 10.00 -27.62 29.25
C SER A 175 10.70 -26.29 29.36
N GLU A 176 10.24 -25.30 28.61
CA GLU A 176 10.74 -23.90 28.67
C GLU A 176 9.94 -23.00 29.61
N VAL A 177 8.66 -22.89 29.34
CA VAL A 177 7.77 -22.23 30.27
C VAL A 177 8.50 -21.60 31.44
N THR A 178 9.80 -21.64 31.42
CA THR A 178 10.38 -21.43 32.73
C THR A 178 9.39 -20.81 33.65
N THR A 179 8.25 -20.42 33.14
CA THR A 179 7.25 -19.84 34.00
C THR A 179 7.80 -18.60 34.50
N LYS A 180 9.10 -18.47 34.36
CA LYS A 180 9.75 -17.26 34.70
C LYS A 180 10.06 -16.70 33.38
N MET A 181 9.21 -17.01 32.42
CA MET A 181 9.41 -16.60 31.08
C MET A 181 8.07 -16.43 30.54
N LEU A 182 7.89 -15.42 29.72
CA LEU A 182 6.69 -15.20 28.90
C LEU A 182 6.96 -15.64 27.45
N CYS A 183 6.01 -16.30 26.82
CA CYS A 183 6.10 -16.33 25.38
C CYS A 183 5.03 -15.47 24.75
N ALA A 184 5.39 -14.85 23.64
CA ALA A 184 4.46 -14.05 22.88
C ALA A 184 4.84 -14.16 21.42
N ALA A 185 3.83 -14.13 20.53
CA ALA A 185 4.09 -14.18 19.09
C ALA A 185 3.13 -13.26 18.32
N ASP A 186 3.51 -12.84 17.13
CA ASP A 186 2.58 -12.10 16.31
C ASP A 186 2.19 -12.93 15.12
N PRO A 187 1.09 -12.56 14.44
CA PRO A 187 0.89 -13.04 13.07
C PRO A 187 0.72 -11.86 12.17
N GLN A 188 1.75 -11.56 11.33
CA GLN A 188 2.74 -12.62 11.08
C GLN A 188 3.90 -12.70 12.01
N TRP A 189 4.37 -13.94 12.13
CA TRP A 189 5.66 -14.29 12.69
C TRP A 189 5.58 -15.39 13.71
N GLN A 195 11.73 -9.51 14.82
CA GLN A 195 10.87 -8.34 15.05
C GLN A 195 11.44 -7.41 16.11
N GLY A 196 11.43 -7.85 17.37
CA GLY A 196 12.03 -7.08 18.46
C GLY A 196 13.52 -7.35 18.55
N ASP A 197 14.13 -7.06 19.70
CA ASP A 197 15.56 -7.38 19.90
C ASP A 197 15.74 -8.09 21.20
N SER A 198 16.61 -9.11 21.21
CA SER A 198 16.88 -9.81 22.43
C SER A 198 17.29 -8.74 23.41
N GLY A 199 16.90 -8.89 24.66
CA GLY A 199 17.24 -7.91 25.68
C GLY A 199 16.32 -6.71 25.64
N GLY A 200 15.76 -6.46 24.47
CA GLY A 200 14.79 -5.40 24.32
C GLY A 200 13.57 -5.69 25.19
N PRO A 201 12.77 -4.68 25.49
CA PRO A 201 11.66 -4.93 26.38
C PRO A 201 10.45 -5.61 25.74
N LEU A 202 9.47 -5.94 26.58
CA LEU A 202 8.14 -6.23 26.11
C LEU A 202 7.17 -5.58 27.08
N VAL A 203 6.30 -4.77 26.53
CA VAL A 203 5.51 -3.94 27.35
C VAL A 203 4.07 -4.22 27.12
N CYS A 204 3.41 -4.70 28.16
CA CYS A 204 2.01 -5.05 28.03
C CYS A 204 1.36 -4.02 28.92
N SER A 205 0.29 -3.42 28.44
CA SER A 205 -0.20 -2.30 29.16
C SER A 205 -0.87 -2.88 30.34
N LEU A 206 -0.45 -2.44 31.51
CA LEU A 206 -0.93 -3.08 32.70
C LEU A 206 -1.73 -2.09 33.50
N GLN A 207 -2.92 -2.52 33.88
CA GLN A 207 -3.78 -1.73 34.70
C GLN A 207 -4.03 -0.53 33.84
N GLY A 208 -3.58 -0.66 32.61
CA GLY A 208 -3.66 0.40 31.65
C GLY A 208 -2.50 1.36 31.77
N ARG A 209 -1.57 1.08 32.67
CA ARG A 209 -0.39 1.92 32.74
C ARG A 209 0.72 1.01 32.32
N MET A 210 1.61 1.52 31.48
CA MET A 210 2.53 0.66 30.73
C MET A 210 3.63 0.07 31.57
N THR A 211 3.84 -1.22 31.40
CA THR A 211 4.75 -1.95 32.24
C THR A 211 5.78 -2.65 31.39
N LEU A 212 6.96 -2.90 31.96
CA LEU A 212 7.91 -3.82 31.33
C LEU A 212 7.58 -5.24 31.75
N THR A 213 6.86 -5.96 30.91
CA THR A 213 6.35 -7.26 31.29
C THR A 213 7.39 -8.37 31.16
N GLY A 214 8.30 -8.22 30.20
CA GLY A 214 9.34 -9.20 30.03
C GLY A 214 10.46 -8.78 29.11
N ILE A 215 11.63 -9.34 29.34
CA ILE A 215 12.81 -9.10 28.55
C ILE A 215 12.81 -10.10 27.41
N VAL A 216 13.33 -9.73 26.26
CA VAL A 216 13.40 -10.64 25.14
C VAL A 216 14.54 -11.60 25.33
N SER A 217 14.26 -12.88 25.38
CA SER A 217 15.28 -13.83 25.63
C SER A 217 15.48 -14.62 24.39
N TRP A 218 14.49 -15.38 24.03
CA TRP A 218 14.61 -16.05 22.79
C TRP A 218 13.45 -15.94 21.93
N GLY A 219 13.70 -15.39 20.77
CA GLY A 219 12.67 -15.13 19.83
C GLY A 219 12.71 -13.68 19.49
N ARG A 220 12.79 -13.44 18.19
CA ARG A 220 12.25 -12.25 17.53
C ARG A 220 12.95 -10.95 17.94
N LYS A 227 6.47 -20.30 16.62
CA LYS A 227 7.77 -19.79 16.99
C LYS A 227 7.44 -18.43 17.61
N PRO A 228 6.98 -18.46 18.85
CA PRO A 228 6.76 -17.23 19.58
C PRO A 228 8.04 -16.83 20.28
N GLY A 229 8.07 -15.61 20.80
CA GLY A 229 9.24 -15.15 21.49
C GLY A 229 9.08 -15.54 22.92
N VAL A 230 10.18 -15.90 23.57
CA VAL A 230 10.19 -16.27 24.98
C VAL A 230 10.77 -15.14 25.79
N TYR A 231 9.92 -14.45 26.55
CA TYR A 231 10.35 -13.29 27.28
C TYR A 231 10.65 -13.61 28.73
N THR A 232 11.85 -13.23 29.20
CA THR A 232 12.17 -13.32 30.61
C THR A 232 11.03 -12.62 31.30
N ARG A 233 10.31 -13.34 32.17
CA ARG A 233 9.22 -12.69 32.90
C ARG A 233 9.82 -11.79 33.96
N VAL A 234 9.59 -10.49 33.86
CA VAL A 234 10.26 -9.58 34.77
C VAL A 234 9.71 -9.70 36.18
N SER A 235 8.39 -9.85 36.30
CA SER A 235 7.72 -9.87 37.60
C SER A 235 8.40 -10.78 38.60
N HIS A 236 8.97 -11.88 38.10
CA HIS A 236 9.74 -12.76 38.97
C HIS A 236 11.00 -12.08 39.43
N PHE A 237 11.68 -11.43 38.50
CA PHE A 237 12.98 -10.86 38.77
C PHE A 237 12.97 -9.56 39.56
N LEU A 238 11.80 -9.04 39.91
CA LEU A 238 11.77 -7.81 40.71
C LEU A 238 12.71 -7.88 41.95
N PRO A 239 12.62 -8.99 42.72
CA PRO A 239 13.55 -9.19 43.83
C PRO A 239 15.00 -9.02 43.38
N TRP A 240 15.32 -9.64 42.26
CA TRP A 240 16.67 -9.56 41.74
C TRP A 240 16.99 -8.14 41.41
N ILE A 241 16.10 -7.54 40.61
CA ILE A 241 16.19 -6.15 40.24
C ILE A 241 16.41 -5.30 41.49
N ARG A 242 15.44 -5.28 42.41
CA ARG A 242 15.59 -4.45 43.61
C ARG A 242 16.94 -4.72 44.27
N SER A 243 17.22 -6.00 44.48
CA SER A 243 18.45 -6.44 45.12
C SER A 243 19.67 -5.87 44.44
N HIS A 244 19.59 -5.59 43.15
CA HIS A 244 20.73 -5.07 42.40
C HIS A 244 20.66 -3.62 42.01
N THR A 245 19.51 -2.97 42.18
CA THR A 245 19.35 -1.57 41.74
C THR A 245 19.35 -0.58 42.91
N LYS A 246 19.40 -1.11 44.12
CA LYS A 246 19.12 -0.36 45.35
C LYS A 246 20.31 0.34 45.96
N GLN B 1 13.72 3.50 -8.55
CA GLN B 1 14.26 3.19 -9.93
C GLN B 1 14.26 1.66 -10.22
N VAL B 2 13.68 0.87 -9.32
CA VAL B 2 13.60 -0.56 -9.46
C VAL B 2 12.33 -0.94 -10.21
N LYS B 3 12.52 -1.31 -11.47
CA LYS B 3 11.42 -1.63 -12.33
C LYS B 3 10.78 -2.97 -11.89
N LEU B 4 9.45 -3.08 -12.03
CA LEU B 4 8.73 -4.33 -11.76
C LEU B 4 7.68 -4.72 -12.85
N GLN B 5 7.94 -5.84 -13.53
CA GLN B 5 7.23 -6.13 -14.77
C GLN B 5 6.39 -7.35 -14.61
N GLU B 6 5.11 -7.18 -14.30
CA GLU B 6 4.18 -8.29 -14.36
C GLU B 6 3.93 -8.68 -15.81
N SER B 7 3.49 -9.92 -16.01
CA SER B 7 3.15 -10.41 -17.32
C SER B 7 2.37 -11.70 -17.14
N GLY B 8 1.84 -12.23 -18.23
CA GLY B 8 1.05 -13.43 -18.12
C GLY B 8 -0.24 -13.14 -17.39
N GLY B 9 -0.49 -11.87 -17.14
CA GLY B 9 -1.85 -11.40 -16.84
C GLY B 9 -2.70 -11.57 -18.09
N ASP B 10 -3.75 -12.36 -17.97
CA ASP B 10 -4.53 -12.69 -19.15
C ASP B 10 -5.87 -13.24 -18.75
N LEU B 11 -6.73 -13.46 -19.74
CA LEU B 11 -8.03 -14.06 -19.49
C LEU B 11 -7.80 -15.50 -19.06
N VAL B 12 -8.68 -16.03 -18.22
CA VAL B 12 -8.65 -17.45 -17.93
C VAL B 12 -9.97 -17.93 -17.34
N LYS B 13 -10.36 -19.15 -17.71
CA LYS B 13 -11.65 -19.72 -17.33
C LYS B 13 -11.76 -19.92 -15.83
N PRO B 14 -12.98 -19.70 -15.27
CA PRO B 14 -13.29 -19.97 -13.86
C PRO B 14 -12.82 -21.35 -13.43
N GLY B 15 -11.99 -21.40 -12.41
CA GLY B 15 -11.43 -22.68 -11.96
C GLY B 15 -10.09 -22.89 -12.64
N GLY B 16 -9.92 -22.24 -13.77
CA GLY B 16 -8.67 -22.31 -14.52
C GLY B 16 -7.50 -21.77 -13.74
N SER B 17 -6.34 -21.74 -14.40
CA SER B 17 -5.11 -21.40 -13.73
C SER B 17 -4.29 -20.55 -14.63
N LEU B 18 -3.55 -19.66 -14.03
CA LEU B 18 -2.73 -18.70 -14.74
C LEU B 18 -1.57 -18.37 -13.81
N LYS B 19 -0.45 -17.98 -14.39
CA LYS B 19 0.73 -17.67 -13.61
C LYS B 19 1.30 -16.35 -14.06
N LEU B 20 1.40 -15.41 -13.13
CA LEU B 20 1.93 -14.11 -13.49
C LEU B 20 3.38 -14.17 -13.22
N SER B 21 4.15 -13.59 -14.12
CA SER B 21 5.57 -13.45 -13.92
C SER B 21 5.77 -12.02 -13.54
N CYS B 22 6.80 -11.78 -12.74
CA CYS B 22 7.23 -10.45 -12.46
C CYS B 22 8.72 -10.41 -12.50
N SER B 23 9.25 -9.66 -13.46
CA SER B 23 10.68 -9.56 -13.63
C SER B 23 11.19 -8.47 -12.74
N ALA B 24 12.16 -8.81 -11.90
CA ALA B 24 12.71 -7.87 -10.96
C ALA B 24 14.12 -7.44 -11.33
N SER B 25 14.25 -6.17 -11.73
CA SER B 25 15.55 -5.59 -12.03
C SER B 25 15.76 -4.39 -11.12
N GLY B 26 16.91 -3.74 -11.24
CA GLY B 26 17.12 -2.47 -10.56
C GLY B 26 17.31 -2.49 -9.05
N PHE B 27 17.28 -3.67 -8.45
CA PHE B 27 17.48 -3.82 -7.02
C PHE B 27 17.82 -5.27 -6.79
N THR B 28 18.31 -5.61 -5.61
CA THR B 28 18.77 -6.97 -5.40
C THR B 28 17.64 -7.90 -4.99
N PHE B 29 17.18 -8.70 -5.94
CA PHE B 29 16.03 -9.55 -5.76
C PHE B 29 16.23 -10.47 -4.55
N SER B 30 17.37 -11.15 -4.51
CA SER B 30 17.67 -12.10 -3.43
C SER B 30 17.46 -11.49 -2.04
N ARG B 31 17.55 -10.18 -1.92
CA ARG B 31 17.43 -9.55 -0.61
C ARG B 31 16.02 -9.27 -0.21
N TYR B 32 15.20 -8.87 -1.17
CA TYR B 32 13.86 -8.41 -0.87
C TYR B 32 12.83 -9.53 -0.89
N ALA B 33 11.87 -9.42 0.01
CA ALA B 33 10.66 -10.18 -0.18
C ALA B 33 9.94 -9.54 -1.35
N MET B 34 9.04 -10.33 -1.92
CA MET B 34 8.18 -9.86 -2.96
C MET B 34 6.80 -10.29 -2.59
N SER B 35 5.85 -9.39 -2.79
CA SER B 35 4.47 -9.70 -2.54
C SER B 35 3.64 -9.40 -3.74
N TRP B 36 2.54 -10.13 -3.87
CA TRP B 36 1.62 -9.87 -4.95
C TRP B 36 0.48 -9.22 -4.33
N VAL B 37 -0.06 -8.21 -4.99
CA VAL B 37 -1.31 -7.63 -4.57
C VAL B 37 -2.20 -7.58 -5.77
N ARG B 38 -3.50 -7.60 -5.53
CA ARG B 38 -4.44 -7.38 -6.61
C ARG B 38 -5.46 -6.34 -6.26
N GLN B 39 -5.60 -5.49 -7.12
CA GLN B 39 -6.55 -4.46 -6.91
C GLN B 39 -7.68 -4.87 -7.81
N THR B 40 -8.81 -4.87 -7.23
CA THR B 40 -9.93 -5.39 -7.90
C THR B 40 -10.54 -4.45 -8.87
N PRO B 41 -11.65 -4.87 -9.44
CA PRO B 41 -12.53 -4.02 -10.22
C PRO B 41 -13.10 -2.87 -9.39
N GLU B 42 -13.59 -3.22 -8.19
CA GLU B 42 -14.25 -2.27 -7.30
C GLU B 42 -13.15 -1.49 -6.61
N LYS B 43 -11.94 -1.97 -6.87
CA LYS B 43 -10.71 -1.32 -6.49
C LYS B 43 -10.20 -1.61 -5.09
N ARG B 44 -10.88 -2.44 -4.32
CA ARG B 44 -10.34 -2.76 -3.00
C ARG B 44 -9.02 -3.41 -3.30
N LEU B 45 -7.96 -3.00 -2.60
CA LEU B 45 -6.64 -3.58 -2.82
C LEU B 45 -6.47 -4.79 -1.98
N GLU B 46 -6.16 -5.88 -2.64
CA GLU B 46 -6.00 -7.12 -1.92
C GLU B 46 -4.54 -7.57 -1.95
N TRP B 47 -3.94 -7.78 -0.77
CA TRP B 47 -2.68 -8.47 -0.74
C TRP B 47 -3.03 -9.85 -1.15
N VAL B 48 -2.44 -10.32 -2.23
CA VAL B 48 -2.65 -11.69 -2.67
C VAL B 48 -1.76 -12.64 -1.91
N ALA B 49 -0.46 -12.50 -2.10
CA ALA B 49 0.53 -13.35 -1.43
C ALA B 49 1.89 -12.67 -1.39
N SER B 50 2.65 -12.97 -0.35
CA SER B 50 4.00 -12.46 -0.21
C SER B 50 4.91 -13.66 -0.28
N ILE B 51 6.13 -13.42 -0.77
CA ILE B 51 7.17 -14.42 -0.72
C ILE B 51 8.47 -13.80 -0.24
N THR B 52 8.97 -14.26 0.90
CA THR B 52 10.18 -13.72 1.43
C THR B 52 11.30 -14.03 0.48
N ASN B 53 12.36 -13.25 0.54
CA ASN B 53 13.50 -13.46 -0.34
C ASN B 53 13.81 -14.92 -0.34
N GLY B 54 13.68 -15.51 0.86
CA GLY B 54 13.99 -16.90 1.14
C GLY B 54 13.12 -17.90 0.41
N GLY B 55 12.10 -17.42 -0.29
CA GLY B 55 11.16 -18.32 -0.94
C GLY B 55 9.99 -18.71 -0.02
N SER B 56 10.13 -18.47 1.28
CA SER B 56 9.03 -18.66 2.22
C SER B 56 7.86 -17.82 1.77
N THR B 57 6.67 -18.40 1.75
CA THR B 57 5.52 -17.76 1.14
C THR B 57 4.34 -17.58 2.08
N TYR B 58 3.64 -16.48 1.85
CA TYR B 58 2.49 -16.09 2.61
C TYR B 58 1.41 -15.63 1.66
N TYR B 59 0.19 -16.14 1.84
CA TYR B 59 -0.90 -15.83 0.91
C TYR B 59 -2.13 -15.27 1.61
N SER B 60 -2.87 -14.42 0.90
CA SER B 60 -4.10 -13.86 1.43
C SER B 60 -5.07 -14.98 1.64
N ASP B 61 -5.78 -14.92 2.76
CA ASP B 61 -6.79 -15.93 3.02
C ASP B 61 -7.61 -16.02 1.76
N SER B 62 -7.53 -14.95 0.98
CA SER B 62 -8.28 -14.85 -0.24
C SER B 62 -7.87 -15.87 -1.28
N VAL B 63 -6.63 -16.32 -1.27
CA VAL B 63 -6.22 -17.14 -2.37
C VAL B 63 -5.32 -18.27 -1.93
N LYS B 64 -5.02 -18.33 -0.66
CA LYS B 64 -4.14 -19.36 -0.16
C LYS B 64 -4.62 -20.73 -0.58
N GLY B 65 -3.70 -21.60 -1.00
CA GLY B 65 -4.05 -22.94 -1.41
C GLY B 65 -4.13 -22.97 -2.92
N ARG B 66 -5.00 -22.12 -3.45
CA ARG B 66 -5.20 -22.02 -4.89
C ARG B 66 -4.28 -21.01 -5.59
N PHE B 67 -3.39 -20.38 -4.83
CA PHE B 67 -2.31 -19.58 -5.39
C PHE B 67 -1.00 -20.05 -4.83
N ILE B 68 0.05 -20.04 -5.65
CA ILE B 68 1.39 -20.24 -5.12
C ILE B 68 2.27 -19.12 -5.64
N ILE B 69 2.74 -18.30 -4.70
CA ILE B 69 3.74 -17.33 -5.03
C ILE B 69 5.02 -18.14 -5.14
N SER B 70 5.92 -17.71 -6.00
CA SER B 70 7.19 -18.38 -6.17
C SER B 70 8.12 -17.31 -6.66
N ARG B 71 9.42 -17.54 -6.45
CA ARG B 71 10.43 -16.66 -6.96
C ARG B 71 11.57 -17.50 -7.47
N ASP B 72 12.02 -17.14 -8.67
CA ASP B 72 13.33 -17.55 -9.14
C ASP B 72 14.27 -16.39 -8.87
N ASN B 73 15.14 -16.56 -7.89
CA ASN B 73 16.19 -15.59 -7.63
C ASN B 73 17.39 -15.73 -8.57
N ALA B 74 17.46 -16.85 -9.26
CA ALA B 74 18.39 -16.89 -10.35
C ALA B 74 17.98 -15.76 -11.25
N ARG B 75 16.79 -15.89 -11.82
CA ARG B 75 16.38 -15.10 -12.96
C ARG B 75 15.49 -13.90 -12.56
N ASN B 76 15.47 -13.59 -11.27
CA ASN B 76 14.80 -12.40 -10.77
C ASN B 76 13.38 -12.27 -11.30
N ILE B 77 12.55 -13.26 -11.01
CA ILE B 77 11.17 -13.29 -11.47
C ILE B 77 10.29 -13.72 -10.33
N LEU B 78 9.43 -12.84 -9.88
CA LEU B 78 8.46 -13.24 -8.91
C LEU B 78 7.44 -13.90 -9.75
N SER B 79 6.95 -15.04 -9.30
CA SER B 79 5.97 -15.79 -10.05
C SER B 79 4.78 -15.99 -9.17
N LEU B 80 3.60 -15.65 -9.66
CA LEU B 80 2.39 -15.99 -8.94
C LEU B 80 1.64 -17.02 -9.75
N GLN B 81 1.60 -18.24 -9.21
CA GLN B 81 0.92 -19.30 -9.89
C GLN B 81 -0.47 -19.40 -9.31
N MET B 82 -1.46 -19.05 -10.12
CA MET B 82 -2.83 -19.10 -9.68
C MET B 82 -3.49 -20.31 -10.33
N SER B 83 -4.32 -21.01 -9.42
CA SER B 83 -5.09 -22.14 -9.93
C SER B 83 -6.42 -22.07 -9.24
N SER B 84 -7.47 -23.04 -9.62
CA SER B 84 -8.78 -22.94 -9.02
C SER B 84 -9.24 -21.49 -9.02
N LEU B 85 -9.02 -20.76 -10.21
CA LEU B 85 -9.35 -19.36 -10.30
C LEU B 85 -10.84 -19.14 -10.25
N ARG B 86 -11.29 -18.26 -9.34
CA ARG B 86 -12.69 -17.85 -9.26
C ARG B 86 -12.86 -16.44 -9.83
N SER B 87 -14.10 -16.06 -10.17
CA SER B 87 -14.34 -14.70 -10.73
C SER B 87 -13.74 -13.63 -9.81
N GLU B 88 -13.81 -13.90 -8.50
CA GLU B 88 -13.14 -13.12 -7.50
C GLU B 88 -11.81 -12.64 -8.03
N ASP B 89 -10.92 -13.58 -8.29
CA ASP B 89 -9.52 -13.32 -8.66
C ASP B 89 -9.33 -12.35 -9.82
N THR B 90 -10.39 -12.12 -10.59
CA THR B 90 -10.34 -11.15 -11.65
C THR B 90 -9.86 -9.87 -11.04
N ALA B 91 -8.69 -9.39 -11.46
CA ALA B 91 -8.12 -8.24 -10.83
C ALA B 91 -6.77 -7.82 -11.40
N MET B 92 -6.47 -6.54 -11.23
CA MET B 92 -5.15 -6.00 -11.58
C MET B 92 -4.15 -6.64 -10.65
N TYR B 93 -3.21 -7.39 -11.21
CA TYR B 93 -2.21 -8.08 -10.39
C TYR B 93 -0.90 -7.35 -10.39
N TYR B 94 -0.58 -6.88 -9.19
CA TYR B 94 0.52 -6.01 -8.98
C TYR B 94 1.63 -6.77 -8.31
N CYS B 95 2.84 -6.59 -8.85
CA CYS B 95 4.01 -7.19 -8.26
C CYS B 95 4.63 -6.15 -7.37
N GLU B 96 4.81 -6.49 -6.10
CA GLU B 96 5.39 -5.55 -5.15
C GLU B 96 6.71 -6.06 -4.71
N ARG B 97 7.70 -5.18 -4.68
CA ARG B 97 8.85 -5.47 -3.86
C ARG B 97 8.43 -5.18 -2.44
N GLY B 98 9.07 -5.90 -1.53
CA GLY B 98 8.77 -5.75 -0.14
C GLY B 98 7.69 -6.75 0.05
N GLU B 99 6.91 -6.54 1.09
CA GLU B 99 5.99 -7.52 1.56
C GLU B 99 5.08 -6.79 2.48
N LEU B 100 4.15 -7.51 3.09
CA LEU B 100 3.23 -6.90 3.98
C LEU B 100 3.89 -6.13 5.11
N THR B 101 4.55 -6.87 6.00
CA THR B 101 5.06 -6.28 7.24
C THR B 101 5.74 -4.95 7.07
N TYR B 102 6.63 -4.85 6.11
CA TYR B 102 7.45 -3.67 6.00
C TYR B 102 7.07 -2.78 4.85
N ALA B 103 5.91 -3.03 4.26
CA ALA B 103 5.50 -2.23 3.14
C ALA B 103 6.05 -2.87 1.90
N MET B 104 5.50 -2.42 0.71
CA MET B 104 6.07 -2.80 -0.52
C MET B 104 6.60 -1.53 -1.13
N ASP B 105 7.94 -1.38 -1.25
CA ASP B 105 8.51 -0.14 -1.73
C ASP B 105 8.09 0.11 -3.13
N TYR B 106 8.24 -0.89 -3.98
CA TYR B 106 7.95 -0.71 -5.40
C TYR B 106 6.89 -1.64 -5.91
N TRP B 107 6.04 -1.13 -6.80
CA TRP B 107 4.98 -1.94 -7.40
C TRP B 107 5.15 -2.02 -8.89
N GLY B 108 4.93 -3.22 -9.42
CA GLY B 108 4.88 -3.42 -10.86
C GLY B 108 3.73 -2.60 -11.40
N GLN B 109 3.87 -2.11 -12.63
CA GLN B 109 2.80 -1.37 -13.29
C GLN B 109 1.48 -2.13 -13.18
N GLY B 110 1.57 -3.43 -12.99
CA GLY B 110 0.41 -4.29 -12.80
C GLY B 110 0.00 -4.99 -14.08
N THR B 111 -0.29 -6.28 -13.98
CA THR B 111 -0.75 -7.05 -15.11
C THR B 111 -2.18 -7.38 -14.74
N THR B 112 -3.05 -7.43 -15.73
CA THR B 112 -4.45 -7.56 -15.43
C THR B 112 -4.88 -8.99 -15.56
N VAL B 113 -5.76 -9.46 -14.70
CA VAL B 113 -6.24 -10.83 -14.82
C VAL B 113 -7.74 -10.99 -14.68
N THR B 114 -8.37 -11.30 -15.80
CA THR B 114 -9.78 -11.54 -15.86
C THR B 114 -10.01 -13.03 -15.69
N VAL B 115 -10.79 -13.39 -14.70
CA VAL B 115 -11.16 -14.75 -14.55
C VAL B 115 -12.61 -14.83 -14.93
N SER B 116 -12.89 -15.27 -16.15
CA SER B 116 -14.26 -15.48 -16.59
C SER B 116 -14.25 -16.59 -17.61
N SER B 117 -15.43 -17.00 -18.08
CA SER B 117 -15.44 -18.00 -19.14
C SER B 117 -15.62 -17.40 -20.54
N ALA B 118 -15.83 -16.09 -20.58
CA ALA B 118 -16.10 -15.38 -21.83
C ALA B 118 -14.91 -15.39 -22.76
N LYS B 119 -15.15 -15.68 -24.03
CA LYS B 119 -14.09 -15.70 -25.01
C LYS B 119 -13.47 -14.31 -25.18
N THR B 120 -12.18 -14.27 -25.49
CA THR B 120 -11.50 -13.03 -25.82
C THR B 120 -12.17 -12.43 -27.02
N THR B 121 -12.55 -11.17 -26.91
CA THR B 121 -12.97 -10.38 -28.07
C THR B 121 -11.97 -9.26 -28.29
N PRO B 122 -11.34 -9.19 -29.46
CA PRO B 122 -10.45 -8.07 -29.70
C PRO B 122 -11.22 -6.79 -30.01
N PRO B 123 -10.76 -5.66 -29.44
CA PRO B 123 -11.50 -4.43 -29.53
C PRO B 123 -11.62 -4.02 -30.95
N SER B 124 -12.83 -3.79 -31.38
CA SER B 124 -13.00 -3.06 -32.58
C SER B 124 -12.53 -1.67 -32.22
N VAL B 125 -11.47 -1.21 -32.88
CA VAL B 125 -11.04 0.17 -32.66
C VAL B 125 -11.66 1.05 -33.73
N TYR B 126 -12.45 2.02 -33.29
CA TYR B 126 -13.04 2.99 -34.19
C TYR B 126 -12.53 4.37 -33.89
N PRO B 127 -12.25 5.15 -34.96
CA PRO B 127 -11.80 6.53 -34.91
C PRO B 127 -12.93 7.51 -34.63
N LEU B 128 -12.57 8.65 -34.07
CA LEU B 128 -13.55 9.60 -33.69
C LEU B 128 -13.10 10.87 -34.29
N ALA B 129 -13.84 11.33 -35.28
CA ALA B 129 -13.53 12.59 -35.87
C ALA B 129 -14.74 13.43 -35.65
N PRO B 130 -14.56 14.63 -35.13
CA PRO B 130 -15.70 15.50 -35.00
C PRO B 130 -16.60 15.41 -36.22
N MET B 133 -10.67 23.98 -31.33
CA MET B 133 -9.57 23.17 -30.80
C MET B 133 -10.10 21.76 -30.65
N VAL B 134 -9.82 20.98 -31.68
CA VAL B 134 -10.39 19.68 -31.89
C VAL B 134 -9.90 18.70 -30.88
N THR B 135 -10.80 17.86 -30.43
CA THR B 135 -10.48 16.83 -29.50
C THR B 135 -10.85 15.56 -30.16
N LEU B 136 -10.06 14.51 -29.98
CA LEU B 136 -10.23 13.33 -30.78
C LEU B 136 -10.38 12.04 -30.01
N GLY B 137 -10.99 11.04 -30.60
CA GLY B 137 -11.16 9.82 -29.87
C GLY B 137 -10.87 8.51 -30.58
N CYS B 138 -10.52 7.51 -29.78
CA CYS B 138 -10.75 6.13 -30.09
C CYS B 138 -12.00 5.71 -29.42
N LEU B 139 -12.90 5.12 -30.17
CA LEU B 139 -13.83 4.23 -29.53
C LEU B 139 -13.32 2.83 -29.78
N VAL B 140 -12.72 2.21 -28.76
CA VAL B 140 -12.44 0.79 -28.86
C VAL B 140 -13.57 0.05 -28.16
N LYS B 141 -14.25 -0.84 -28.90
CA LYS B 141 -15.48 -1.47 -28.43
C LYS B 141 -15.43 -2.96 -28.65
N GLY B 142 -16.20 -3.69 -27.86
CA GLY B 142 -16.39 -5.11 -28.09
C GLY B 142 -15.08 -5.84 -27.96
N TYR B 143 -14.30 -5.43 -26.96
CA TYR B 143 -13.04 -6.06 -26.67
C TYR B 143 -13.13 -6.74 -25.32
N PHE B 144 -12.69 -7.97 -25.26
CA PHE B 144 -12.57 -8.66 -24.00
C PHE B 144 -11.34 -9.55 -24.11
N PRO B 145 -10.67 -9.83 -23.00
CA PRO B 145 -10.92 -9.27 -21.68
C PRO B 145 -10.22 -7.95 -21.50
N GLU B 146 -10.53 -7.27 -20.41
CA GLU B 146 -9.79 -6.09 -20.03
C GLU B 146 -8.35 -6.49 -19.71
N PRO B 147 -7.38 -5.63 -20.06
CA PRO B 147 -7.60 -4.32 -20.66
C PRO B 147 -6.87 -4.09 -21.96
N VAL B 148 -7.24 -3.03 -22.67
CA VAL B 148 -6.51 -2.61 -23.84
C VAL B 148 -5.81 -1.28 -23.52
N THR B 149 -4.56 -1.14 -23.98
CA THR B 149 -3.84 0.11 -23.84
C THR B 149 -4.21 1.03 -24.98
N VAL B 150 -4.41 2.29 -24.63
CA VAL B 150 -4.60 3.34 -25.62
C VAL B 150 -3.49 4.38 -25.51
N THR B 151 -2.68 4.53 -26.55
CA THR B 151 -1.71 5.62 -26.60
C THR B 151 -1.85 6.39 -27.89
N TRP B 152 -1.38 7.62 -27.92
CA TRP B 152 -1.58 8.43 -29.11
C TRP B 152 -0.32 8.81 -29.83
N ASN B 153 -0.27 8.43 -31.09
CA ASN B 153 0.94 8.58 -31.87
C ASN B 153 2.08 7.70 -31.34
N SER B 154 1.71 6.52 -30.81
CA SER B 154 2.64 5.52 -30.30
C SER B 154 3.46 6.07 -29.11
N GLY B 155 2.79 6.85 -28.26
CA GLY B 155 3.40 7.40 -27.05
C GLY B 155 3.69 8.89 -27.07
N SER B 156 3.61 9.49 -28.26
CA SER B 156 3.84 10.94 -28.44
C SER B 156 2.79 11.78 -27.71
N LEU B 157 1.52 11.46 -27.93
CA LEU B 157 0.43 12.30 -27.43
C LEU B 157 -0.05 11.83 -26.07
N SER B 158 0.27 12.63 -25.04
CA SER B 158 0.07 12.19 -23.67
C SER B 158 -0.93 13.04 -22.91
N SER B 159 -0.67 14.33 -22.77
CA SER B 159 -1.71 15.18 -22.22
C SER B 159 -2.58 15.56 -23.38
N GLY B 160 -3.84 15.82 -23.08
CA GLY B 160 -4.87 15.85 -24.10
C GLY B 160 -5.53 14.49 -24.07
N VAL B 161 -4.76 13.45 -23.70
CA VAL B 161 -5.33 12.11 -23.61
C VAL B 161 -6.18 11.93 -22.36
N HIS B 162 -7.45 11.68 -22.57
CA HIS B 162 -8.29 11.09 -21.54
C HIS B 162 -8.78 9.74 -22.00
N THR B 163 -8.20 8.67 -21.45
CA THR B 163 -8.69 7.33 -21.79
C THR B 163 -9.56 6.82 -20.69
N PHE B 164 -10.84 6.85 -20.99
CA PHE B 164 -11.83 6.52 -20.01
C PHE B 164 -11.80 5.05 -19.74
N PRO B 165 -12.01 4.68 -18.47
CA PRO B 165 -12.19 3.28 -18.15
C PRO B 165 -13.13 2.65 -19.16
N ALA B 166 -12.97 1.37 -19.44
CA ALA B 166 -13.92 0.69 -20.30
C ALA B 166 -15.18 0.45 -19.52
N VAL B 167 -16.20 -0.06 -20.20
CA VAL B 167 -17.45 -0.40 -19.54
C VAL B 167 -17.95 -1.77 -20.02
N LEU B 168 -18.92 -2.34 -19.30
CA LEU B 168 -19.41 -3.64 -19.68
C LEU B 168 -20.77 -3.57 -20.33
N GLN B 169 -20.80 -3.97 -21.59
CA GLN B 169 -22.02 -3.96 -22.39
C GLN B 169 -21.98 -5.24 -23.18
N SER B 170 -23.10 -5.95 -23.22
CA SER B 170 -23.16 -7.16 -24.02
C SER B 170 -22.01 -8.07 -23.62
N ASP B 171 -21.47 -7.88 -22.42
CA ASP B 171 -20.32 -8.67 -21.96
C ASP B 171 -19.06 -8.32 -22.76
N LEU B 172 -18.92 -7.04 -23.10
CA LEU B 172 -17.80 -6.58 -23.89
C LEU B 172 -17.37 -5.25 -23.35
N TYR B 173 -16.08 -5.15 -23.07
CA TYR B 173 -15.52 -3.90 -22.61
C TYR B 173 -15.53 -2.93 -23.77
N THR B 174 -15.98 -1.73 -23.48
CA THR B 174 -16.07 -0.65 -24.46
C THR B 174 -15.59 0.63 -23.79
N LEU B 175 -14.47 1.11 -24.30
CA LEU B 175 -13.69 2.16 -23.70
C LEU B 175 -13.53 3.23 -24.72
N SER B 176 -12.90 4.33 -24.35
CA SER B 176 -12.70 5.42 -25.26
C SER B 176 -11.34 6.04 -24.97
N SER B 177 -10.98 7.02 -25.78
CA SER B 177 -9.85 7.85 -25.49
C SER B 177 -10.13 9.18 -26.13
N SER B 178 -10.19 10.22 -25.31
CA SER B 178 -10.25 11.54 -25.82
C SER B 178 -8.83 11.98 -25.90
N VAL B 179 -8.44 12.51 -27.05
CA VAL B 179 -7.23 13.31 -27.13
C VAL B 179 -7.54 14.65 -27.75
N THR B 180 -6.92 15.68 -27.21
CA THR B 180 -7.21 17.04 -27.61
C THR B 180 -5.92 17.66 -28.11
N VAL B 181 -5.95 18.13 -29.34
CA VAL B 181 -4.80 18.83 -29.89
C VAL B 181 -5.21 20.23 -30.33
N PRO B 182 -4.26 21.20 -30.32
CA PRO B 182 -4.59 22.56 -30.74
C PRO B 182 -5.25 22.56 -32.12
N SER B 183 -6.07 23.58 -32.40
CA SER B 183 -6.81 23.66 -33.66
C SER B 183 -5.89 23.53 -34.87
N SER B 184 -4.63 23.84 -34.69
CA SER B 184 -3.70 23.73 -35.76
C SER B 184 -3.01 22.39 -35.65
N THR B 185 -3.47 21.55 -34.74
CA THR B 185 -2.77 20.30 -34.54
C THR B 185 -3.28 19.21 -35.46
N TRP B 186 -4.41 19.46 -36.09
CA TRP B 186 -5.04 18.39 -36.80
C TRP B 186 -5.98 18.97 -37.81
N PRO B 187 -6.23 18.22 -38.91
CA PRO B 187 -5.54 16.96 -39.14
C PRO B 187 -4.06 17.16 -39.35
N SER B 188 -3.69 18.08 -40.23
CA SER B 188 -2.33 18.54 -40.20
C SER B 188 -1.53 17.27 -39.98
N GLU B 189 -0.85 17.25 -38.84
CA GLU B 189 -0.04 16.11 -38.42
C GLU B 189 -0.88 14.95 -37.93
N THR B 190 -0.31 13.76 -38.03
CA THR B 190 -1.02 12.53 -37.79
C THR B 190 -1.45 12.28 -36.35
N VAL B 191 -2.70 11.85 -36.15
CA VAL B 191 -3.07 11.29 -34.87
C VAL B 191 -3.79 9.97 -35.04
N THR B 192 -3.42 9.05 -34.17
CA THR B 192 -4.02 7.75 -34.14
C THR B 192 -4.13 7.32 -32.71
N CYS B 193 -5.26 6.74 -32.33
CA CYS B 193 -5.19 6.03 -31.09
C CYS B 193 -4.32 4.85 -31.41
N ASN B 194 -3.36 4.62 -30.54
CA ASN B 194 -2.57 3.44 -30.56
C ASN B 194 -3.16 2.56 -29.49
N VAL B 195 -3.85 1.52 -29.95
CA VAL B 195 -4.68 0.70 -29.08
C VAL B 195 -4.14 -0.70 -29.17
N ALA B 196 -4.09 -1.39 -28.03
CA ALA B 196 -3.54 -2.73 -27.99
C ALA B 196 -4.29 -3.55 -26.99
N HIS B 197 -5.00 -4.57 -27.47
CA HIS B 197 -5.62 -5.54 -26.58
C HIS B 197 -4.65 -6.66 -26.45
N PRO B 198 -3.95 -6.74 -25.30
CA PRO B 198 -2.82 -7.67 -25.19
C PRO B 198 -3.25 -9.13 -25.28
N ALA B 199 -4.43 -9.45 -24.75
CA ALA B 199 -4.93 -10.83 -24.68
C ALA B 199 -5.26 -11.42 -26.05
N SER B 200 -6.06 -10.68 -26.81
CA SER B 200 -6.34 -11.06 -28.19
C SER B 200 -5.13 -10.64 -29.03
N SER B 201 -4.14 -10.06 -28.34
CA SER B 201 -2.85 -9.81 -28.94
C SER B 201 -2.98 -8.76 -30.05
N THR B 202 -4.23 -8.35 -30.25
CA THR B 202 -4.58 -7.20 -31.05
C THR B 202 -3.77 -5.97 -30.70
N LYS B 203 -3.30 -5.31 -31.74
CA LYS B 203 -2.86 -3.93 -31.64
C LYS B 203 -3.37 -3.24 -32.89
N VAL B 204 -4.07 -2.12 -32.70
CA VAL B 204 -4.50 -1.28 -33.82
C VAL B 204 -3.90 0.08 -33.61
N ASP B 205 -3.76 0.83 -34.70
CA ASP B 205 -3.49 2.25 -34.62
C ASP B 205 -4.48 2.91 -35.60
N LYS B 206 -5.46 3.63 -35.09
CA LYS B 206 -6.45 4.23 -35.98
C LYS B 206 -6.22 5.71 -36.26
N LYS B 207 -5.79 5.99 -37.49
CA LYS B 207 -5.79 7.34 -37.99
C LYS B 207 -7.14 7.98 -37.73
N ILE B 208 -7.14 9.18 -37.17
CA ILE B 208 -8.37 9.96 -37.06
C ILE B 208 -8.42 10.87 -38.30
N VAL B 209 -9.33 10.54 -39.22
CA VAL B 209 -9.41 11.17 -40.55
C VAL B 209 -10.70 11.96 -40.69
N VAL B 210 -10.58 13.27 -40.83
CA VAL B 210 -11.75 14.16 -40.74
C VAL B 210 -12.98 13.65 -41.50
N LYS B 211 -14.15 13.70 -40.85
CA LYS B 211 -15.41 13.47 -41.56
C LYS B 211 -15.79 14.71 -42.38
N GLY B 212 -15.42 14.71 -43.66
CA GLY B 212 -15.64 15.85 -44.53
C GLY B 212 -15.69 15.45 -45.99
N ASP C 1 -11.86 -8.34 13.76
CA ASP C 1 -10.75 -9.14 13.15
C ASP C 1 -9.65 -8.21 12.69
N ILE C 2 -9.43 -7.18 13.49
CA ILE C 2 -8.52 -6.10 13.13
C ILE C 2 -8.69 -5.69 11.69
N GLU C 3 -9.73 -4.93 11.43
CA GLU C 3 -9.86 -4.30 10.15
C GLU C 3 -9.01 -3.04 10.21
N LEU C 4 -8.86 -2.39 9.06
CA LEU C 4 -8.44 -1.03 9.02
C LEU C 4 -9.57 -0.25 8.41
N THR C 5 -10.48 0.27 9.21
CA THR C 5 -11.47 1.14 8.64
C THR C 5 -10.64 2.32 8.21
N GLN C 6 -11.12 3.06 7.23
CA GLN C 6 -10.33 4.15 6.75
C GLN C 6 -11.32 5.18 6.32
N SER C 7 -11.36 6.26 7.08
CA SER C 7 -12.24 7.33 6.73
C SER C 7 -11.40 8.55 6.38
N PRO C 8 -11.94 9.36 5.49
CA PRO C 8 -13.16 9.03 4.81
C PRO C 8 -12.84 8.09 3.68
N ALA C 9 -13.76 7.22 3.30
CA ALA C 9 -13.58 6.39 2.14
C ALA C 9 -13.08 7.26 0.98
N ILE C 10 -13.69 8.43 0.83
CA ILE C 10 -13.30 9.38 -0.22
C ILE C 10 -13.20 10.75 0.44
N MET C 11 -12.25 11.57 0.01
CA MET C 11 -12.05 12.86 0.65
C MET C 11 -11.72 13.92 -0.38
N SER C 12 -12.05 15.17 -0.06
CA SER C 12 -11.98 16.18 -1.06
C SER C 12 -11.36 17.48 -0.66
N ALA C 13 -11.20 18.31 -1.68
CA ALA C 13 -11.00 19.73 -1.57
C ALA C 13 -9.56 20.16 -1.43
N SER C 14 -9.42 21.48 -1.36
CA SER C 14 -8.56 22.26 -2.21
C SER C 14 -7.07 22.17 -2.01
N PRO C 15 -6.34 22.36 -3.10
CA PRO C 15 -4.90 22.39 -3.08
C PRO C 15 -4.53 23.51 -2.15
N GLY C 16 -3.48 23.30 -1.36
CA GLY C 16 -3.10 24.25 -0.33
C GLY C 16 -3.82 23.88 0.94
N GLU C 17 -4.85 23.05 0.80
CA GLU C 17 -5.63 22.63 1.92
C GLU C 17 -4.72 21.75 2.72
N LYS C 18 -4.97 21.58 3.99
CA LYS C 18 -4.26 20.54 4.66
C LYS C 18 -5.29 19.51 4.92
N VAL C 19 -5.14 18.37 4.26
CA VAL C 19 -6.08 17.27 4.44
C VAL C 19 -5.37 16.12 5.17
N THR C 20 -6.12 15.44 6.02
CA THR C 20 -5.61 14.25 6.64
C THR C 20 -6.65 13.16 6.53
N MET C 21 -6.25 12.04 5.96
CA MET C 21 -7.11 10.87 5.96
C MET C 21 -6.62 9.99 7.06
N THR C 22 -7.55 9.26 7.65
CA THR C 22 -7.27 8.41 8.79
C THR C 22 -7.16 6.93 8.37
N CYS C 23 -6.16 6.21 8.88
CA CYS C 23 -6.29 4.78 9.01
C CYS C 23 -6.79 4.54 10.38
N ARG C 24 -7.92 3.93 10.53
CA ARG C 24 -8.30 3.61 11.86
C ARG C 24 -8.34 2.15 11.80
N ALA C 25 -7.44 1.49 12.48
CA ALA C 25 -7.60 0.08 12.63
C ALA C 25 -8.53 0.07 13.78
N SER C 26 -8.90 -1.09 14.23
CA SER C 26 -9.16 -1.17 15.64
C SER C 26 -8.86 -2.59 15.99
N SER C 27 -8.62 -2.81 17.27
CA SER C 27 -7.70 -3.86 17.67
C SER C 27 -6.33 -3.39 17.24
N THR C 28 -6.01 -2.08 17.29
CA THR C 28 -4.68 -1.56 17.46
C THR C 28 -3.56 -2.39 16.86
N VAL C 29 -2.71 -1.72 16.12
CA VAL C 29 -1.62 -2.35 15.42
C VAL C 29 -0.36 -1.56 15.55
N SER C 30 0.76 -2.25 15.39
CA SER C 30 2.03 -1.59 15.59
C SER C 30 2.13 -0.49 14.57
N PHE C 31 2.81 0.60 14.88
CA PHE C 31 2.93 1.66 13.90
C PHE C 31 4.04 1.42 12.90
N HIS C 32 5.08 0.74 13.35
CA HIS C 32 6.21 0.50 12.49
C HIS C 32 5.89 -0.22 11.25
N TYR C 33 4.81 -0.97 11.30
CA TYR C 33 4.42 -1.73 10.15
C TYR C 33 3.17 -1.16 9.54
N LEU C 34 2.76 0.03 9.98
CA LEU C 34 1.59 0.68 9.40
C LEU C 34 2.03 1.45 8.19
N HIS C 35 1.47 1.09 7.04
CA HIS C 35 1.95 1.59 5.79
C HIS C 35 0.84 2.26 5.04
N TRP C 36 1.22 3.27 4.27
CA TRP C 36 0.34 3.98 3.39
C TRP C 36 0.84 3.86 1.99
N TYR C 37 0.00 3.38 1.10
CA TYR C 37 0.34 3.36 -0.30
C TYR C 37 -0.54 4.35 -0.96
N GLN C 38 -0.06 4.95 -2.05
CA GLN C 38 -0.88 5.85 -2.83
C GLN C 38 -0.99 5.41 -4.27
N GLN C 39 -2.19 5.16 -4.72
CA GLN C 39 -2.36 4.83 -6.11
C GLN C 39 -2.82 6.04 -6.90
N LYS C 40 -1.94 6.62 -7.70
CA LYS C 40 -2.40 7.57 -8.68
C LYS C 40 -3.38 6.81 -9.60
N SER C 41 -4.40 7.49 -10.08
CA SER C 41 -5.32 6.92 -11.05
C SER C 41 -4.58 6.40 -12.27
N GLY C 42 -4.78 5.10 -12.55
CA GLY C 42 -4.23 4.46 -13.74
C GLY C 42 -2.79 4.01 -13.63
N ALA C 43 -2.05 4.56 -12.68
CA ALA C 43 -0.77 4.00 -12.32
C ALA C 43 -1.02 3.12 -11.09
N SER C 44 0.05 2.62 -10.49
CA SER C 44 -0.01 1.60 -9.44
C SER C 44 0.26 2.24 -8.10
N PRO C 45 -0.19 1.58 -7.00
CA PRO C 45 0.12 2.15 -5.72
C PRO C 45 1.61 2.36 -5.62
N LYS C 46 1.98 3.59 -5.42
CA LYS C 46 3.30 3.92 -5.00
C LYS C 46 3.28 3.65 -3.49
N LEU C 47 4.40 3.28 -2.92
CA LEU C 47 4.50 3.37 -1.49
C LEU C 47 4.52 4.87 -1.13
N TRP C 48 3.71 5.25 -0.18
CA TRP C 48 3.68 6.62 0.24
C TRP C 48 4.33 6.87 1.55
N ILE C 49 3.84 6.25 2.61
CA ILE C 49 4.38 6.43 3.92
C ILE C 49 4.59 5.05 4.47
N TYR C 50 5.66 4.83 5.21
CA TYR C 50 5.83 3.51 5.80
C TYR C 50 6.14 3.59 7.26
N ALA C 51 5.74 2.59 8.00
CA ALA C 51 6.03 2.66 9.40
C ALA C 51 5.18 3.78 9.89
N THR C 52 4.11 4.04 9.18
CA THR C 52 3.25 5.08 9.63
C THR C 52 3.69 6.48 9.20
N SER C 53 4.84 6.93 9.67
CA SER C 53 5.18 8.30 9.45
C SER C 53 6.37 8.44 8.57
N ASN C 54 6.68 7.40 7.83
CA ASN C 54 7.87 7.46 7.04
C ASN C 54 7.57 7.64 5.62
N LEU C 55 8.39 8.42 4.95
CA LEU C 55 8.10 8.80 3.60
C LEU C 55 8.93 7.97 2.66
N ALA C 56 8.26 7.25 1.76
CA ALA C 56 8.92 6.51 0.74
C ALA C 56 9.65 7.54 -0.11
N SER C 57 10.83 7.17 -0.59
CA SER C 57 11.56 8.07 -1.47
C SER C 57 10.58 8.72 -2.46
N GLY C 58 10.80 10.00 -2.73
CA GLY C 58 10.04 10.68 -3.76
C GLY C 58 8.81 11.33 -3.20
N VAL C 59 8.09 10.60 -2.37
CA VAL C 59 6.94 11.19 -1.73
C VAL C 59 7.34 12.53 -1.17
N PRO C 60 6.59 13.58 -1.53
CA PRO C 60 6.94 14.92 -1.11
C PRO C 60 6.64 15.22 0.35
N ALA C 61 7.48 16.07 0.94
CA ALA C 61 7.37 16.56 2.34
C ALA C 61 5.93 16.84 2.82
N ARG C 62 5.08 17.27 1.89
CA ARG C 62 3.67 17.50 2.16
C ARG C 62 3.08 16.41 3.02
N PHE C 63 3.14 15.20 2.52
CA PHE C 63 2.61 14.07 3.24
C PHE C 63 3.46 13.84 4.47
N SER C 64 2.79 13.43 5.54
CA SER C 64 3.47 13.13 6.77
C SER C 64 2.72 11.98 7.43
N GLY C 65 3.44 11.14 8.16
CA GLY C 65 2.81 9.96 8.71
C GLY C 65 2.70 10.13 10.19
N SER C 66 1.47 10.07 10.68
CA SER C 66 1.20 10.20 12.08
C SER C 66 0.34 9.03 12.50
N GLY C 67 0.47 8.61 13.76
CA GLY C 67 -0.48 7.68 14.34
C GLY C 67 0.17 6.74 15.30
N SER C 68 -0.65 6.02 16.06
CA SER C 68 -0.21 4.83 16.76
C SER C 68 -1.41 3.99 17.13
N GLY C 69 -1.15 2.74 17.53
CA GLY C 69 -2.20 1.80 17.93
C GLY C 69 -3.27 1.63 16.89
N THR C 70 -4.52 1.76 17.33
CA THR C 70 -5.68 1.66 16.46
C THR C 70 -5.75 2.75 15.39
N SER C 71 -5.31 3.96 15.70
CA SER C 71 -5.54 5.09 14.82
C SER C 71 -4.30 5.67 14.19
N TYR C 72 -4.27 5.64 12.87
CA TYR C 72 -3.15 6.18 12.11
C TYR C 72 -3.71 7.10 11.06
N SER C 73 -2.93 8.09 10.66
CA SER C 73 -3.42 9.11 9.73
C SER C 73 -2.36 9.49 8.72
N LEU C 74 -2.82 9.88 7.55
CA LEU C 74 -1.93 10.40 6.52
C LEU C 74 -2.29 11.85 6.33
N THR C 75 -1.28 12.70 6.28
CA THR C 75 -1.49 14.11 6.25
C THR C 75 -0.74 14.72 5.10
N ILE C 76 -1.47 15.19 4.10
CA ILE C 76 -0.85 16.13 3.18
C ILE C 76 -0.97 17.44 3.91
N SER C 77 0.18 18.11 4.13
CA SER C 77 0.18 19.41 4.82
C SER C 77 -0.55 20.38 3.92
N SER C 78 -0.20 20.34 2.64
CA SER C 78 -0.81 21.18 1.66
C SER C 78 -1.09 20.37 0.42
N VAL C 79 -2.37 20.12 0.14
CA VAL C 79 -2.71 19.36 -1.03
C VAL C 79 -2.35 20.08 -2.35
N GLU C 80 -1.52 19.44 -3.16
CA GLU C 80 -1.30 19.88 -4.52
C GLU C 80 -2.27 19.09 -5.39
N THR C 81 -2.39 19.49 -6.66
CA THR C 81 -3.42 18.91 -7.53
C THR C 81 -2.99 17.52 -7.96
N GLU C 82 -1.68 17.28 -7.86
CA GLU C 82 -1.10 16.00 -8.25
C GLU C 82 -1.27 15.02 -7.11
N ASP C 83 -2.02 15.43 -6.09
CA ASP C 83 -2.25 14.58 -4.93
C ASP C 83 -3.52 13.81 -5.12
N ALA C 84 -4.25 14.16 -6.17
CA ALA C 84 -5.46 13.42 -6.54
C ALA C 84 -5.05 11.98 -6.61
N ALA C 85 -5.56 11.17 -5.70
CA ALA C 85 -5.18 9.79 -5.58
C ALA C 85 -5.98 9.12 -4.50
N THR C 86 -5.77 7.81 -4.42
CA THR C 86 -6.33 7.04 -3.35
C THR C 86 -5.15 6.63 -2.55
N TYR C 87 -5.35 6.58 -1.25
CA TYR C 87 -4.31 6.39 -0.30
C TYR C 87 -4.70 5.21 0.57
N TYR C 88 -3.89 4.17 0.60
CA TYR C 88 -4.32 3.00 1.32
C TYR C 88 -3.59 2.78 2.61
N CYS C 89 -4.35 2.43 3.62
CA CYS C 89 -3.79 1.84 4.81
C CYS C 89 -3.37 0.47 4.48
N GLN C 90 -2.25 0.11 5.04
CA GLN C 90 -1.84 -1.22 4.92
C GLN C 90 -1.13 -1.56 6.19
N HIS C 91 -1.39 -2.77 6.70
CA HIS C 91 -0.70 -3.28 7.87
C HIS C 91 -0.71 -4.79 7.95
N TYR C 92 0.43 -5.40 8.24
CA TYR C 92 0.50 -6.87 8.20
C TYR C 92 -0.39 -7.47 9.28
N SER C 93 -0.74 -6.64 10.26
CA SER C 93 -1.45 -7.08 11.45
C SER C 93 -2.93 -6.96 11.27
N ALA C 94 -3.35 -6.62 10.06
CA ALA C 94 -4.75 -6.56 9.73
C ALA C 94 -5.21 -7.83 9.00
N TYR C 95 -5.89 -8.71 9.73
CA TYR C 95 -6.59 -9.85 9.14
C TYR C 95 -8.01 -9.46 8.85
N PRO C 96 -8.60 -10.01 7.76
CA PRO C 96 -7.93 -10.71 6.65
C PRO C 96 -7.39 -9.71 5.62
N ARG C 97 -7.86 -8.47 5.69
CA ARG C 97 -7.45 -7.47 4.74
C ARG C 97 -6.33 -6.66 5.35
N THR C 98 -5.15 -6.74 4.76
CA THR C 98 -4.01 -5.96 5.23
C THR C 98 -4.20 -4.53 4.81
N PHE C 99 -5.06 -4.34 3.81
CA PHE C 99 -5.28 -3.02 3.25
C PHE C 99 -6.59 -2.42 3.70
N GLY C 100 -6.60 -1.10 3.73
CA GLY C 100 -7.82 -0.35 3.95
C GLY C 100 -8.47 0.00 2.64
N GLY C 101 -9.78 0.23 2.72
CA GLY C 101 -10.58 0.56 1.54
C GLY C 101 -9.98 1.75 0.81
N GLY C 102 -9.13 2.46 1.53
CA GLY C 102 -8.46 3.59 0.97
C GLY C 102 -9.32 4.81 1.15
N THR C 103 -8.70 5.96 0.95
CA THR C 103 -9.34 7.23 0.92
C THR C 103 -9.03 7.75 -0.44
N LYS C 104 -10.03 7.96 -1.27
CA LYS C 104 -9.78 8.68 -2.52
C LYS C 104 -9.64 10.14 -2.17
N LEU C 105 -8.56 10.76 -2.59
CA LEU C 105 -8.47 12.13 -2.27
C LEU C 105 -8.92 12.80 -3.48
N GLU C 106 -10.02 13.54 -3.38
CA GLU C 106 -10.48 14.28 -4.54
C GLU C 106 -10.05 15.67 -4.27
N ILE C 107 -9.08 16.12 -5.01
CA ILE C 107 -8.65 17.47 -4.89
C ILE C 107 -9.75 18.28 -5.49
N LYS C 108 -10.17 19.29 -4.76
CA LYS C 108 -11.14 20.26 -5.24
C LYS C 108 -10.41 21.23 -6.15
N ARG C 109 -11.12 21.73 -7.14
CA ARG C 109 -10.62 22.80 -8.01
C ARG C 109 -11.77 23.72 -8.38
N ALA C 110 -11.42 24.82 -9.02
CA ALA C 110 -12.38 25.73 -9.58
C ALA C 110 -13.26 24.93 -10.53
N ASP C 111 -14.58 25.04 -10.34
CA ASP C 111 -15.53 24.33 -11.19
C ASP C 111 -15.12 24.55 -12.64
N ALA C 112 -15.15 23.50 -13.44
CA ALA C 112 -14.84 23.62 -14.85
C ALA C 112 -15.99 23.22 -15.78
N ALA C 113 -15.99 23.79 -16.98
CA ALA C 113 -16.93 23.38 -18.00
C ALA C 113 -16.37 22.14 -18.66
N PRO C 114 -17.22 21.14 -18.89
CA PRO C 114 -16.73 20.05 -19.69
C PRO C 114 -16.44 20.57 -21.08
N THR C 115 -15.27 20.28 -21.61
CA THR C 115 -15.08 20.48 -23.03
C THR C 115 -15.71 19.25 -23.64
N VAL C 116 -16.90 19.47 -24.17
CA VAL C 116 -17.76 18.39 -24.55
C VAL C 116 -17.57 18.14 -26.02
N SER C 117 -17.43 16.87 -26.36
CA SER C 117 -17.14 16.50 -27.73
C SER C 117 -18.24 15.56 -28.19
N ILE C 118 -18.71 15.81 -29.40
CA ILE C 118 -19.78 15.01 -29.95
C ILE C 118 -19.25 14.25 -31.13
N PHE C 119 -19.37 12.93 -31.05
CA PHE C 119 -18.80 12.07 -32.08
C PHE C 119 -19.78 11.16 -32.79
N PRO C 120 -20.02 11.46 -34.07
CA PRO C 120 -20.80 10.54 -34.89
C PRO C 120 -20.02 9.23 -35.00
N PRO C 121 -20.71 8.11 -35.19
CA PRO C 121 -20.04 6.82 -35.33
C PRO C 121 -19.09 6.81 -36.52
N SER C 122 -18.00 6.08 -36.36
CA SER C 122 -16.98 5.96 -37.39
C SER C 122 -17.54 5.17 -38.55
N SER C 123 -16.92 5.30 -39.71
CA SER C 123 -17.27 4.45 -40.84
C SER C 123 -17.19 3.01 -40.41
N GLU C 124 -16.09 2.67 -39.76
CA GLU C 124 -15.77 1.31 -39.40
C GLU C 124 -16.83 0.77 -38.48
N GLN C 125 -17.42 1.64 -37.66
CA GLN C 125 -18.58 1.25 -36.86
C GLN C 125 -19.78 0.91 -37.73
N LEU C 126 -20.16 1.89 -38.56
CA LEU C 126 -21.21 1.72 -39.56
C LEU C 126 -20.95 0.39 -40.27
N THR C 127 -19.80 0.30 -40.93
CA THR C 127 -19.44 -0.90 -41.66
C THR C 127 -19.63 -2.14 -40.81
N SER C 128 -19.28 -2.04 -39.52
CA SER C 128 -19.42 -3.17 -38.58
C SER C 128 -20.89 -3.51 -38.30
N GLY C 129 -21.76 -2.51 -38.44
CA GLY C 129 -23.16 -2.67 -38.09
C GLY C 129 -23.44 -2.19 -36.68
N GLY C 130 -22.40 -1.67 -36.02
CA GLY C 130 -22.56 -0.92 -34.78
C GLY C 130 -22.49 0.56 -35.09
N ALA C 131 -23.17 1.40 -34.30
CA ALA C 131 -23.05 2.86 -34.43
C ALA C 131 -23.05 3.56 -33.08
N SER C 132 -21.87 4.00 -32.65
CA SER C 132 -21.68 4.60 -31.33
C SER C 132 -21.40 6.08 -31.47
N VAL C 133 -22.36 6.85 -31.02
CA VAL C 133 -22.18 8.26 -30.94
C VAL C 133 -21.58 8.47 -29.58
N VAL C 134 -20.29 8.74 -29.56
CA VAL C 134 -19.58 8.86 -28.31
C VAL C 134 -19.50 10.32 -28.01
N CYS C 135 -19.54 10.64 -26.73
CA CYS C 135 -19.41 12.00 -26.28
C CYS C 135 -18.35 12.16 -25.17
N PHE C 136 -17.49 13.15 -25.35
CA PHE C 136 -16.37 13.36 -24.47
C PHE C 136 -16.59 14.59 -23.68
N LEU C 137 -16.79 14.41 -22.39
CA LEU C 137 -16.91 15.56 -21.53
C LEU C 137 -15.59 15.65 -20.78
N ASN C 138 -14.74 16.54 -21.26
CA ASN C 138 -13.39 16.55 -20.79
C ASN C 138 -13.10 17.71 -19.90
N ASN C 139 -12.27 17.46 -18.91
CA ASN C 139 -11.81 18.50 -18.04
C ASN C 139 -12.96 19.35 -17.53
N PHE C 140 -13.75 18.76 -16.64
CA PHE C 140 -14.74 19.53 -15.94
C PHE C 140 -14.67 19.19 -14.45
N TYR C 141 -15.21 20.09 -13.63
CA TYR C 141 -15.22 19.92 -12.20
C TYR C 141 -16.58 20.38 -11.75
N PRO C 142 -17.19 19.67 -10.77
CA PRO C 142 -16.69 18.44 -10.19
C PRO C 142 -17.15 17.22 -10.98
N LYS C 143 -16.79 16.02 -10.51
CA LYS C 143 -17.13 14.78 -11.18
C LYS C 143 -18.63 14.73 -11.43
N ASP C 144 -19.38 15.46 -10.61
CA ASP C 144 -20.85 15.47 -10.67
C ASP C 144 -21.28 16.13 -11.96
N ILE C 145 -21.82 15.33 -12.86
CA ILE C 145 -22.15 15.81 -14.18
C ILE C 145 -23.17 14.87 -14.72
N ASN C 146 -23.96 15.37 -15.65
CA ASN C 146 -24.91 14.50 -16.30
C ASN C 146 -24.80 14.67 -17.79
N VAL C 147 -25.32 13.72 -18.54
CA VAL C 147 -25.34 13.87 -19.96
C VAL C 147 -26.68 13.49 -20.53
N LYS C 148 -27.31 14.46 -21.20
CA LYS C 148 -28.50 14.19 -21.94
C LYS C 148 -28.10 13.82 -23.35
N TRP C 149 -28.38 12.59 -23.74
CA TRP C 149 -28.31 12.25 -25.14
C TRP C 149 -29.66 12.46 -25.71
N LYS C 150 -29.72 13.39 -26.65
CA LYS C 150 -30.95 13.67 -27.36
C LYS C 150 -30.73 13.31 -28.83
N ILE C 151 -31.62 12.49 -29.36
CA ILE C 151 -31.65 12.20 -30.78
C ILE C 151 -32.86 12.90 -31.41
N ASP C 152 -32.58 13.83 -32.33
CA ASP C 152 -33.61 14.64 -32.96
C ASP C 152 -34.42 15.37 -31.89
N GLY C 153 -33.72 16.03 -30.98
CA GLY C 153 -34.36 16.81 -29.94
C GLY C 153 -35.06 15.97 -28.90
N SER C 154 -35.06 14.66 -29.11
CA SER C 154 -35.68 13.73 -28.16
C SER C 154 -34.60 13.02 -27.37
N GLU C 155 -34.90 12.73 -26.09
CA GLU C 155 -33.89 12.29 -25.16
C GLU C 155 -33.74 10.78 -25.12
N ARG C 156 -32.56 10.31 -25.52
CA ARG C 156 -32.24 8.89 -25.53
C ARG C 156 -31.58 8.51 -24.22
N GLN C 157 -32.27 7.69 -23.45
CA GLN C 157 -31.75 7.26 -22.15
C GLN C 157 -31.01 5.93 -22.30
N ASN C 158 -31.71 4.90 -22.78
CA ASN C 158 -31.06 3.62 -23.04
C ASN C 158 -30.10 3.67 -24.21
N GLY C 159 -29.10 2.80 -24.19
CA GLY C 159 -28.02 2.78 -25.18
C GLY C 159 -26.91 3.76 -24.81
N VAL C 160 -26.82 4.13 -23.54
CA VAL C 160 -25.85 5.14 -23.09
C VAL C 160 -25.02 4.61 -21.93
N LEU C 161 -23.72 4.48 -22.14
CA LEU C 161 -22.87 3.95 -21.11
C LEU C 161 -21.65 4.83 -21.00
N ASN C 162 -21.50 5.45 -19.83
CA ASN C 162 -20.49 6.45 -19.69
C ASN C 162 -19.28 5.98 -18.96
N SER C 163 -18.24 6.80 -19.03
CA SER C 163 -17.03 6.59 -18.26
C SER C 163 -16.52 7.92 -17.73
N TRP C 164 -15.96 7.92 -16.54
CA TRP C 164 -15.27 9.12 -16.10
C TRP C 164 -13.86 8.82 -15.79
N THR C 165 -12.96 9.63 -16.28
CA THR C 165 -11.62 9.40 -15.87
C THR C 165 -11.60 9.71 -14.41
N ASP C 166 -11.05 8.84 -13.59
CA ASP C 166 -10.85 9.22 -12.20
C ASP C 166 -9.95 10.44 -12.18
N GLN C 167 -10.12 11.33 -11.21
CA GLN C 167 -9.66 12.73 -11.33
C GLN C 167 -8.26 12.97 -11.93
N ASP C 168 -8.17 13.94 -12.85
CA ASP C 168 -6.92 14.34 -13.51
C ASP C 168 -5.83 14.63 -12.47
N SER C 169 -4.59 14.20 -12.73
CA SER C 169 -3.50 14.43 -11.77
C SER C 169 -2.85 15.80 -11.91
N LYS C 170 -2.84 16.35 -13.13
CA LYS C 170 -2.32 17.71 -13.39
C LYS C 170 -3.35 18.82 -13.17
N ASP C 171 -4.56 18.69 -13.70
CA ASP C 171 -5.52 19.80 -13.65
C ASP C 171 -6.72 19.50 -12.76
N SER C 172 -6.67 18.36 -12.08
CA SER C 172 -7.67 18.03 -11.06
C SER C 172 -9.10 17.98 -11.56
N THR C 173 -9.27 17.87 -12.88
CA THR C 173 -10.60 17.85 -13.48
C THR C 173 -11.10 16.44 -13.58
N TYR C 174 -12.16 16.30 -14.36
CA TYR C 174 -12.73 15.01 -14.63
C TYR C 174 -13.16 15.03 -16.08
N SER C 175 -12.92 13.93 -16.75
CA SER C 175 -13.47 13.75 -18.07
C SER C 175 -14.48 12.63 -18.08
N MET C 176 -15.51 12.79 -18.89
CA MET C 176 -16.47 11.76 -19.10
C MET C 176 -16.45 11.41 -20.55
N SER C 177 -16.68 10.14 -20.81
CA SER C 177 -16.84 9.67 -22.17
C SER C 177 -18.19 9.05 -22.16
N SER C 178 -19.13 9.70 -22.85
CA SER C 178 -20.43 9.07 -23.04
C SER C 178 -20.51 8.40 -24.38
N THR C 179 -20.88 7.14 -24.34
CA THR C 179 -21.02 6.38 -25.54
C THR C 179 -22.50 6.13 -25.69
N LEU C 180 -23.11 6.79 -26.67
CA LEU C 180 -24.46 6.45 -27.07
C LEU C 180 -24.31 5.39 -28.13
N THR C 181 -24.47 4.16 -27.71
CA THR C 181 -24.38 3.06 -28.63
C THR C 181 -25.74 2.89 -29.27
N LEU C 182 -25.80 3.21 -30.57
CA LEU C 182 -26.95 2.97 -31.37
C LEU C 182 -26.71 1.80 -32.30
N THR C 183 -27.80 1.18 -32.72
CA THR C 183 -27.75 0.11 -33.68
C THR C 183 -27.21 0.64 -35.01
N LYS C 184 -26.75 -0.28 -35.86
CA LYS C 184 -26.53 0.02 -37.28
C LYS C 184 -27.59 1.00 -37.79
N ASP C 185 -28.82 0.54 -37.72
CA ASP C 185 -29.99 1.22 -38.20
C ASP C 185 -30.32 2.41 -37.37
N GLU C 186 -30.70 2.19 -36.12
CA GLU C 186 -31.35 3.20 -35.28
C GLU C 186 -30.71 4.57 -35.43
N TYR C 187 -29.40 4.52 -35.63
CA TYR C 187 -28.64 5.66 -35.98
C TYR C 187 -29.07 6.16 -37.35
N GLU C 188 -29.02 5.29 -38.35
CA GLU C 188 -29.38 5.70 -39.71
C GLU C 188 -30.79 6.28 -39.79
N ARG C 189 -31.71 5.65 -39.04
CA ARG C 189 -33.10 6.09 -38.93
C ARG C 189 -33.23 7.60 -38.61
N HIS C 190 -32.17 8.20 -38.06
CA HIS C 190 -32.22 9.55 -37.50
C HIS C 190 -31.15 10.46 -38.00
N ASN C 191 -31.30 11.77 -37.75
CA ASN C 191 -30.37 12.79 -38.28
C ASN C 191 -29.54 13.54 -37.23
N SER C 192 -30.21 14.25 -36.32
CA SER C 192 -29.52 15.02 -35.29
C SER C 192 -29.32 14.21 -34.02
N TYR C 193 -28.07 14.04 -33.61
CA TYR C 193 -27.77 13.35 -32.33
C TYR C 193 -27.13 14.32 -31.37
N THR C 194 -27.52 14.27 -30.11
CA THR C 194 -26.92 15.19 -29.15
C THR C 194 -26.76 14.68 -27.73
N CYS C 195 -25.51 14.55 -27.31
CA CYS C 195 -25.17 14.44 -25.90
C CYS C 195 -25.15 15.84 -25.33
N GLU C 196 -25.47 15.96 -24.05
CA GLU C 196 -25.56 17.25 -23.42
C GLU C 196 -25.09 17.16 -21.99
N ALA C 197 -24.44 18.22 -21.52
CA ALA C 197 -23.82 18.24 -20.19
C ALA C 197 -24.42 19.30 -19.32
N THR C 198 -24.77 18.93 -18.10
CA THR C 198 -25.38 19.88 -17.17
C THR C 198 -24.51 20.08 -15.93
N LYS C 200 -24.27 22.94 -12.90
CA LYS C 200 -24.94 24.03 -12.21
C LYS C 200 -24.12 25.31 -12.20
N THR C 201 -22.84 25.24 -12.53
CA THR C 201 -22.03 26.44 -12.58
C THR C 201 -22.47 27.40 -13.70
N SER C 202 -22.66 26.90 -14.91
CA SER C 202 -23.36 27.68 -15.93
C SER C 202 -24.63 26.96 -16.12
N THR C 203 -25.71 27.56 -15.67
CA THR C 203 -26.88 26.81 -15.32
C THR C 203 -27.42 26.04 -16.50
N SER C 204 -27.38 26.63 -17.67
CA SER C 204 -27.71 25.91 -18.86
C SER C 204 -26.59 24.92 -19.08
N PRO C 205 -26.88 23.83 -19.78
CA PRO C 205 -25.88 22.82 -20.13
C PRO C 205 -25.34 23.03 -21.52
N ILE C 206 -24.04 22.81 -21.71
CA ILE C 206 -23.48 22.87 -23.07
C ILE C 206 -23.96 21.69 -23.90
N VAL C 207 -24.21 21.97 -25.17
CA VAL C 207 -24.70 20.96 -26.09
C VAL C 207 -23.69 20.82 -27.18
N LYS C 208 -23.48 19.59 -27.60
CA LYS C 208 -22.76 19.32 -28.82
C LYS C 208 -23.63 18.38 -29.64
N SER C 209 -24.23 18.96 -30.68
CA SER C 209 -25.22 18.30 -31.52
C SER C 209 -24.61 18.01 -32.91
N PHE C 210 -25.11 16.98 -33.57
CA PHE C 210 -24.72 16.71 -34.95
C PHE C 210 -25.79 15.85 -35.61
N ASN C 211 -25.76 15.80 -36.92
CA ASN C 211 -26.67 14.95 -37.68
C ASN C 211 -25.90 14.19 -38.77
N ARG C 212 -26.40 13.03 -39.19
CA ARG C 212 -25.53 12.11 -39.94
C ARG C 212 -24.97 12.62 -41.28
N ASN C 213 -25.85 12.82 -42.26
CA ASN C 213 -25.43 13.16 -43.62
C ASN C 213 -25.30 14.65 -43.79
N GLU C 214 -25.65 15.38 -42.76
CA GLU C 214 -25.80 16.80 -42.93
C GLU C 214 -24.44 17.49 -42.80
N CYS C 215 -23.91 17.88 -43.95
CA CYS C 215 -22.51 18.30 -44.08
C CYS C 215 -21.74 17.10 -44.63
#